data_4TJU
#
_entry.id   4TJU
#
_cell.length_a   74.140
_cell.length_b   79.490
_cell.length_c   153.370
_cell.angle_alpha   90.000
_cell.angle_beta   90.000
_cell.angle_gamma   90.000
#
_symmetry.space_group_name_H-M   'P 21 21 21'
#
loop_
_entity.id
_entity.type
_entity.pdbx_description
1 polymer Tankyrase-2
2 non-polymer 'ZINC ION'
3 non-polymer 3-(4-CHLOROPHENYL)QUINOXALINE-5-CARBOXAMIDE
4 water water
#
_entity_poly.entity_id   1
_entity_poly.type   'polypeptide(L)'
_entity_poly.pdbx_seq_one_letter_code
;MGSSHHHHHHSSGRENLYFQGSPDDKEFQSVEEEMQSTVREHRDGGHAGGIFNRYNILKIQKVCNKKLWERYTHRRKEVS
EENHNHANERMLFHGSPFVNAIIHKGFDERHAYIGGMFGAGIYFAENSSKSNQYVYGIGGGTGCPVHKDRSCYICHRQLL
FCRVTLGKSFLQFSAMKMAHSPPGHHSVTGRPSVNGLALAEYVIYRGEQAYPEYLITYQIMRPEGMV
;
_entity_poly.pdbx_strand_id   A,B,C,D
#
loop_
_chem_comp.id
_chem_comp.type
_chem_comp.name
_chem_comp.formula
CNQ non-polymer 3-(4-CHLOROPHENYL)QUINOXALINE-5-CARBOXAMIDE 'C15 H10 Cl N3 O'
ZN non-polymer 'ZINC ION' 'Zn 2'
#
# COMPACT_ATOMS: atom_id res chain seq x y z
N LYS A 26 34.24 -15.76 -33.97
CA LYS A 26 35.00 -16.67 -33.14
C LYS A 26 34.30 -16.91 -31.82
N GLU A 27 33.83 -15.80 -31.27
CA GLU A 27 32.97 -15.81 -30.10
C GLU A 27 31.67 -16.44 -30.59
N PHE A 28 31.16 -16.00 -31.73
CA PHE A 28 29.96 -16.53 -32.32
C PHE A 28 30.08 -17.96 -32.90
N GLN A 29 31.22 -18.31 -33.48
CA GLN A 29 31.42 -19.66 -33.90
C GLN A 29 31.42 -20.59 -32.69
N SER A 30 31.94 -20.14 -31.58
CA SER A 30 31.93 -20.91 -30.37
C SER A 30 30.50 -21.19 -29.81
N VAL A 31 29.67 -20.16 -29.88
CA VAL A 31 28.26 -20.25 -29.53
C VAL A 31 27.54 -21.15 -30.50
N GLU A 32 27.76 -20.99 -31.82
CA GLU A 32 27.14 -21.90 -32.79
C GLU A 32 27.53 -23.35 -32.49
N GLU A 33 28.84 -23.61 -32.23
CA GLU A 33 29.31 -24.97 -31.92
C GLU A 33 28.61 -25.55 -30.70
N GLU A 34 28.45 -24.75 -29.62
CA GLU A 34 27.76 -25.20 -28.40
CA GLU A 34 27.75 -25.19 -28.41
C GLU A 34 26.29 -25.53 -28.69
N MET A 35 25.62 -24.68 -29.45
CA MET A 35 24.25 -24.86 -29.84
C MET A 35 24.07 -26.21 -30.63
N GLN A 36 24.90 -26.44 -31.66
CA GLN A 36 24.77 -27.65 -32.48
C GLN A 36 25.18 -28.94 -31.77
N SER A 37 26.35 -28.93 -31.11
CA SER A 37 26.97 -30.11 -30.50
C SER A 37 26.23 -30.68 -29.30
N THR A 38 25.38 -29.86 -28.65
CA THR A 38 24.66 -30.30 -27.45
C THR A 38 23.26 -30.82 -27.72
N VAL A 39 22.85 -30.89 -28.97
CA VAL A 39 21.56 -31.47 -29.38
C VAL A 39 21.56 -32.95 -29.02
N ARG A 40 20.46 -33.42 -28.46
CA ARG A 40 20.25 -34.84 -28.11
C ARG A 40 18.93 -35.31 -28.67
N GLU A 41 18.77 -36.64 -28.75
CA GLU A 41 17.50 -37.25 -29.17
C GLU A 41 16.66 -37.22 -27.92
N HIS A 42 15.45 -36.70 -28.04
CA HIS A 42 14.55 -36.57 -26.90
C HIS A 42 13.57 -37.71 -26.79
N ARG A 43 13.36 -38.19 -25.54
CA ARG A 43 12.49 -39.29 -25.14
C ARG A 43 11.03 -39.16 -25.62
N ASP A 44 10.56 -37.92 -25.82
CA ASP A 44 9.21 -37.63 -26.30
C ASP A 44 9.09 -37.71 -27.85
N GLY A 45 10.15 -38.17 -28.53
CA GLY A 45 10.23 -38.28 -29.99
C GLY A 45 9.98 -37.01 -30.77
N GLY A 46 10.27 -35.85 -30.12
CA GLY A 46 10.11 -34.54 -30.74
C GLY A 46 8.79 -33.86 -30.48
N HIS A 47 7.92 -34.47 -29.64
CA HIS A 47 6.60 -33.92 -29.35
C HIS A 47 6.69 -32.45 -28.93
N ALA A 48 7.53 -32.14 -27.94
CA ALA A 48 7.63 -30.78 -27.41
C ALA A 48 8.37 -29.78 -28.31
N GLY A 49 9.54 -30.16 -28.78
CA GLY A 49 10.39 -29.22 -29.51
C GLY A 49 10.51 -29.38 -31.01
N GLY A 50 9.98 -30.47 -31.54
CA GLY A 50 10.09 -30.73 -32.98
C GLY A 50 11.06 -31.84 -33.29
N ILE A 51 11.05 -32.30 -34.56
CA ILE A 51 11.94 -33.40 -34.98
C ILE A 51 13.07 -32.78 -35.78
N PHE A 52 14.31 -32.98 -35.32
CA PHE A 52 15.54 -32.41 -35.89
C PHE A 52 16.76 -33.01 -35.25
N ASN A 53 17.90 -32.95 -35.96
CA ASN A 53 19.22 -33.38 -35.49
C ASN A 53 20.14 -32.15 -35.41
N ARG A 54 19.79 -31.09 -36.12
CA ARG A 54 20.59 -29.86 -36.14
C ARG A 54 19.74 -28.64 -36.39
N TYR A 55 20.36 -27.47 -36.29
CA TYR A 55 19.70 -26.21 -36.53
C TYR A 55 20.23 -25.47 -37.73
N ASN A 56 19.43 -24.51 -38.20
CA ASN A 56 19.89 -23.51 -39.15
C ASN A 56 20.06 -22.28 -38.25
N ILE A 57 21.31 -21.94 -37.88
CA ILE A 57 21.58 -20.75 -37.06
C ILE A 57 21.57 -19.52 -37.95
N LEU A 58 20.65 -18.60 -37.69
CA LEU A 58 20.45 -17.38 -38.52
C LEU A 58 21.25 -16.20 -38.02
N LYS A 59 21.25 -15.98 -36.70
CA LYS A 59 21.90 -14.83 -36.11
C LYS A 59 22.26 -15.10 -34.67
N ILE A 60 23.41 -14.56 -34.25
CA ILE A 60 23.83 -14.60 -32.85
C ILE A 60 24.16 -13.19 -32.46
N GLN A 61 23.46 -12.67 -31.46
CA GLN A 61 23.65 -11.30 -31.02
C GLN A 61 24.08 -11.25 -29.57
N LYS A 62 25.07 -10.41 -29.27
CA LYS A 62 25.50 -10.25 -27.89
C LYS A 62 24.61 -9.18 -27.26
N VAL A 63 24.01 -9.50 -26.12
CA VAL A 63 23.12 -8.60 -25.42
C VAL A 63 24.01 -7.74 -24.52
N CYS A 64 23.93 -6.45 -24.70
CA CYS A 64 24.70 -5.51 -23.92
C CYS A 64 23.70 -4.62 -23.16
N ASN A 65 23.42 -4.99 -21.91
CA ASN A 65 22.49 -4.28 -21.06
C ASN A 65 23.28 -4.04 -19.77
N LYS A 66 23.89 -2.83 -19.66
CA LYS A 66 24.77 -2.50 -18.53
C LYS A 66 24.15 -2.67 -17.14
N LYS A 67 22.93 -2.16 -16.95
CA LYS A 67 22.21 -2.26 -15.67
C LYS A 67 22.01 -3.74 -15.29
N LEU A 68 21.62 -4.61 -16.28
CA LEU A 68 21.44 -6.04 -16.00
C LEU A 68 22.78 -6.72 -15.72
N TRP A 69 23.83 -6.35 -16.48
CA TRP A 69 25.15 -6.95 -16.30
C TRP A 69 25.64 -6.67 -14.89
N GLU A 70 25.48 -5.44 -14.42
CA GLU A 70 25.94 -5.07 -13.08
C GLU A 70 25.15 -5.74 -12.00
N ARG A 71 23.83 -5.93 -12.23
CA ARG A 71 23.01 -6.64 -11.26
CA ARG A 71 22.97 -6.66 -11.29
C ARG A 71 23.54 -8.08 -11.17
N TYR A 72 23.88 -8.67 -12.33
CA TYR A 72 24.45 -9.99 -12.39
C TYR A 72 25.83 -10.07 -11.68
N THR A 73 26.77 -9.18 -12.02
CA THR A 73 28.12 -9.24 -11.43
C THR A 73 28.13 -8.92 -9.94
N HIS A 74 27.23 -8.05 -9.47
CA HIS A 74 27.15 -7.74 -8.05
C HIS A 74 26.74 -9.02 -7.29
N ARG A 75 25.74 -9.76 -7.82
CA ARG A 75 25.30 -10.97 -7.16
C ARG A 75 26.38 -12.06 -7.29
N ARG A 76 27.07 -12.10 -8.44
CA ARG A 76 28.10 -13.12 -8.70
C ARG A 76 29.25 -13.00 -7.67
N LYS A 77 29.61 -11.76 -7.34
CA LYS A 77 30.65 -11.45 -6.35
C LYS A 77 30.20 -11.92 -4.94
N GLU A 78 28.95 -11.62 -4.58
CA GLU A 78 28.32 -12.01 -3.33
C GLU A 78 28.26 -13.54 -3.18
N VAL A 79 27.85 -14.24 -4.26
CA VAL A 79 27.82 -15.67 -4.28
C VAL A 79 29.26 -16.26 -4.15
N SER A 80 30.24 -15.72 -4.91
CA SER A 80 31.64 -16.22 -4.85
C SER A 80 32.16 -16.13 -3.41
N GLU A 81 31.83 -15.04 -2.71
CA GLU A 81 32.25 -14.84 -1.31
C GLU A 81 31.66 -15.88 -0.36
N GLU A 82 30.47 -16.41 -0.71
CA GLU A 82 29.78 -17.43 0.05
C GLU A 82 30.08 -18.85 -0.42
N ASN A 83 30.99 -19.00 -1.41
CA ASN A 83 31.29 -20.31 -1.97
C ASN A 83 32.79 -20.50 -2.19
N HIS A 84 33.58 -20.23 -1.15
CA HIS A 84 35.05 -20.41 -1.21
C HIS A 84 35.70 -19.65 -2.40
N ASN A 85 35.33 -18.34 -2.63
CA ASN A 85 35.88 -17.45 -3.68
C ASN A 85 35.68 -18.03 -5.11
N HIS A 86 34.53 -18.65 -5.34
CA HIS A 86 34.22 -19.31 -6.60
C HIS A 86 32.74 -19.11 -6.96
N ALA A 87 32.47 -18.48 -8.10
CA ALA A 87 31.08 -18.25 -8.48
C ALA A 87 30.42 -19.52 -9.00
N ASN A 88 31.21 -20.48 -9.53
CA ASN A 88 30.67 -21.68 -10.18
C ASN A 88 29.72 -21.24 -11.32
N GLU A 89 30.24 -20.38 -12.18
CA GLU A 89 29.52 -19.83 -13.31
C GLU A 89 29.59 -20.81 -14.48
N ARG A 90 28.47 -20.93 -15.18
CA ARG A 90 28.42 -21.80 -16.35
C ARG A 90 27.66 -21.10 -17.45
N MET A 91 27.95 -21.47 -18.70
CA MET A 91 27.19 -20.94 -19.85
C MET A 91 26.12 -22.00 -20.13
N LEU A 92 24.83 -21.62 -20.04
CA LEU A 92 23.70 -22.55 -20.19
C LEU A 92 22.60 -21.96 -21.07
N PHE A 93 21.79 -22.84 -21.65
CA PHE A 93 20.71 -22.38 -22.50
C PHE A 93 19.43 -22.13 -21.73
N HIS A 94 18.58 -21.26 -22.27
CA HIS A 94 17.26 -21.00 -21.71
C HIS A 94 16.33 -20.77 -22.89
N GLY A 95 15.19 -21.47 -22.87
CA GLY A 95 14.12 -21.28 -23.86
C GLY A 95 12.91 -20.71 -23.16
N SER A 96 12.31 -19.71 -23.78
CA SER A 96 11.14 -19.02 -23.25
C SER A 96 10.40 -18.28 -24.34
N PRO A 97 9.05 -18.18 -24.23
CA PRO A 97 8.32 -17.28 -25.16
C PRO A 97 8.56 -15.81 -24.81
N PHE A 98 9.26 -15.54 -23.68
CA PHE A 98 9.47 -14.19 -23.15
C PHE A 98 10.89 -13.64 -23.26
N VAL A 99 11.62 -14.07 -24.30
CA VAL A 99 12.98 -13.60 -24.54
C VAL A 99 13.13 -12.10 -24.61
N ASN A 100 12.20 -11.42 -25.26
CA ASN A 100 12.25 -10.00 -25.29
C ASN A 100 12.19 -9.29 -23.94
N ALA A 101 11.28 -9.70 -23.08
CA ALA A 101 11.18 -9.15 -21.75
C ALA A 101 12.46 -9.50 -20.99
N ILE A 102 13.00 -10.74 -21.15
CA ILE A 102 14.22 -11.12 -20.44
C ILE A 102 15.43 -10.24 -20.80
N ILE A 103 15.65 -10.01 -22.10
CA ILE A 103 16.82 -9.22 -22.49
C ILE A 103 16.73 -7.75 -22.05
N HIS A 104 15.51 -7.23 -21.86
CA HIS A 104 15.31 -5.84 -21.44
C HIS A 104 15.25 -5.70 -19.92
N LYS A 105 14.49 -6.58 -19.25
CA LYS A 105 14.23 -6.52 -17.80
C LYS A 105 15.00 -7.54 -16.94
N GLY A 106 15.58 -8.56 -17.57
CA GLY A 106 16.29 -9.63 -16.88
C GLY A 106 15.39 -10.78 -16.48
N PHE A 107 15.99 -11.85 -15.96
CA PHE A 107 15.25 -13.01 -15.47
C PHE A 107 14.56 -12.56 -14.22
N ASP A 108 13.38 -13.12 -13.97
CA ASP A 108 12.57 -12.66 -12.86
C ASP A 108 11.89 -13.84 -12.23
N GLU A 109 12.35 -14.18 -11.00
CA GLU A 109 11.78 -15.32 -10.24
C GLU A 109 10.30 -15.10 -9.87
N ARG A 110 9.79 -13.84 -9.95
CA ARG A 110 8.38 -13.61 -9.59
C ARG A 110 7.47 -14.27 -10.64
N HIS A 111 8.03 -14.61 -11.83
CA HIS A 111 7.34 -15.32 -12.89
C HIS A 111 7.42 -16.85 -12.79
N ALA A 112 8.20 -17.36 -11.85
CA ALA A 112 8.45 -18.78 -11.77
C ALA A 112 7.29 -19.63 -11.29
N ILE A 114 5.69 -22.84 -8.63
CA ILE A 114 5.93 -23.95 -7.68
C ILE A 114 5.78 -25.37 -8.28
N GLY A 115 4.97 -25.50 -9.33
CA GLY A 115 4.68 -26.75 -10.03
C GLY A 115 5.81 -27.45 -10.76
N GLY A 116 6.90 -26.74 -11.05
CA GLY A 116 8.03 -27.32 -11.78
C GLY A 116 8.67 -28.43 -10.97
N MET A 117 9.44 -29.32 -11.64
CA MET A 117 10.14 -30.45 -11.00
C MET A 117 10.95 -30.03 -9.77
N PHE A 118 11.64 -28.85 -9.85
CA PHE A 118 12.40 -28.32 -8.72
C PHE A 118 11.78 -27.04 -8.17
N GLY A 119 10.48 -26.92 -8.33
CA GLY A 119 9.72 -25.80 -7.78
C GLY A 119 9.89 -24.50 -8.52
N ALA A 120 9.74 -23.40 -7.78
CA ALA A 120 9.66 -22.04 -8.28
C ALA A 120 10.97 -21.40 -8.64
N GLY A 121 11.66 -22.03 -9.58
CA GLY A 121 12.93 -21.54 -10.09
C GLY A 121 12.91 -21.14 -11.54
N ILE A 122 14.08 -20.70 -12.01
CA ILE A 122 14.34 -20.34 -13.40
C ILE A 122 15.25 -21.46 -13.85
N TYR A 123 14.86 -22.14 -14.93
CA TYR A 123 15.53 -23.36 -15.36
C TYR A 123 16.40 -23.17 -16.57
N PHE A 124 17.54 -23.88 -16.58
CA PHE A 124 18.50 -23.79 -17.67
C PHE A 124 18.97 -25.19 -18.06
N ALA A 125 19.44 -25.35 -19.29
CA ALA A 125 19.95 -26.64 -19.78
C ALA A 125 21.34 -26.50 -20.36
N GLU A 126 22.11 -27.59 -20.30
CA GLU A 126 23.41 -27.63 -20.95
C GLU A 126 23.25 -28.25 -22.34
N ASN A 127 22.04 -28.75 -22.67
CA ASN A 127 21.74 -29.29 -24.02
C ASN A 127 20.76 -28.31 -24.66
N SER A 128 21.16 -27.69 -25.78
CA SER A 128 20.31 -26.69 -26.44
C SER A 128 18.93 -27.24 -26.81
N SER A 129 18.87 -28.52 -27.24
CA SER A 129 17.61 -29.13 -27.66
C SER A 129 16.65 -29.31 -26.48
N LYS A 130 17.15 -29.35 -25.24
CA LYS A 130 16.24 -29.42 -24.09
C LYS A 130 15.57 -28.02 -23.91
N SER A 131 16.36 -26.93 -23.97
CA SER A 131 15.79 -25.57 -23.90
C SER A 131 14.86 -25.27 -25.09
N ASN A 132 15.15 -25.87 -26.26
CA ASN A 132 14.30 -25.70 -27.45
C ASN A 132 12.85 -26.23 -27.19
N GLN A 133 12.68 -27.21 -26.28
CA GLN A 133 11.35 -27.74 -25.91
C GLN A 133 10.49 -26.71 -25.15
N TYR A 134 11.08 -25.58 -24.72
CA TYR A 134 10.39 -24.54 -23.94
C TYR A 134 10.18 -23.23 -24.63
N VAL A 135 10.69 -23.11 -25.88
CA VAL A 135 10.60 -21.87 -26.64
C VAL A 135 9.16 -21.38 -26.85
N TYR A 136 8.23 -22.30 -27.10
CA TYR A 136 6.83 -21.95 -27.32
C TYR A 136 5.92 -22.23 -26.11
N GLY A 137 6.54 -22.53 -24.96
CA GLY A 137 5.86 -22.82 -23.71
C GLY A 137 6.22 -24.16 -23.12
N ILE A 138 5.61 -24.50 -21.95
CA ILE A 138 5.87 -25.79 -21.31
C ILE A 138 5.34 -26.90 -22.23
N GLY A 139 6.20 -27.90 -22.48
CA GLY A 139 5.91 -29.02 -23.37
C GLY A 139 5.77 -28.57 -24.82
N GLY A 140 6.31 -27.39 -25.12
CA GLY A 140 6.24 -26.76 -26.45
C GLY A 140 4.96 -25.98 -26.72
N GLY A 141 4.03 -25.93 -25.75
CA GLY A 141 2.76 -25.22 -25.92
C GLY A 141 2.00 -25.71 -27.14
N THR A 142 1.44 -24.77 -27.93
CA THR A 142 0.77 -25.14 -29.19
C THR A 142 1.72 -24.86 -30.35
N GLY A 143 3.01 -24.65 -30.05
CA GLY A 143 4.00 -24.39 -31.10
C GLY A 143 4.02 -22.97 -31.56
N CYS A 144 4.49 -22.72 -32.81
CA CYS A 144 4.63 -21.36 -33.36
C CYS A 144 3.29 -20.61 -33.43
N PRO A 145 3.27 -19.26 -33.24
CA PRO A 145 2.00 -18.52 -33.31
C PRO A 145 1.31 -18.52 -34.69
N VAL A 146 2.10 -18.71 -35.77
CA VAL A 146 1.59 -18.67 -37.15
C VAL A 146 0.91 -19.98 -37.60
N HIS A 147 1.60 -21.12 -37.47
CA HIS A 147 1.10 -22.42 -37.91
C HIS A 147 0.65 -23.34 -36.81
N LYS A 148 0.82 -22.95 -35.53
CA LYS A 148 0.45 -23.78 -34.38
C LYS A 148 1.10 -25.14 -34.48
N ASP A 149 2.40 -25.14 -34.77
CA ASP A 149 3.18 -26.33 -35.00
C ASP A 149 4.42 -26.33 -34.12
N ARG A 150 4.52 -27.33 -33.20
CA ARG A 150 5.68 -27.48 -32.31
C ARG A 150 6.94 -27.87 -33.11
N SER A 151 6.75 -28.44 -34.32
CA SER A 151 7.85 -28.85 -35.19
C SER A 151 8.06 -27.94 -36.39
N CYS A 152 7.58 -26.69 -36.32
CA CYS A 152 7.69 -25.71 -37.39
C CYS A 152 9.14 -25.56 -37.85
N TYR A 153 9.35 -25.74 -39.16
CA TYR A 153 10.67 -25.63 -39.76
C TYR A 153 10.78 -24.29 -40.44
N ILE A 154 9.66 -23.59 -40.53
CA ILE A 154 9.54 -22.29 -41.19
C ILE A 154 9.81 -21.13 -40.24
N CYS A 155 9.07 -21.06 -39.12
CA CYS A 155 9.18 -19.94 -38.19
C CYS A 155 10.51 -19.88 -37.48
N HIS A 156 11.04 -18.66 -37.30
CA HIS A 156 12.34 -18.47 -36.66
C HIS A 156 12.12 -18.48 -35.14
N ARG A 157 12.96 -19.24 -34.45
CA ARG A 157 12.90 -19.40 -32.99
C ARG A 157 14.02 -18.61 -32.38
N GLN A 158 13.90 -18.31 -31.06
CA GLN A 158 15.00 -17.65 -30.37
C GLN A 158 15.30 -18.40 -29.06
N LEU A 159 16.57 -18.66 -28.78
CA LEU A 159 17.06 -19.30 -27.52
C LEU A 159 18.03 -18.28 -26.88
N LEU A 160 18.22 -18.35 -25.56
CA LEU A 160 19.26 -17.51 -24.97
C LEU A 160 20.40 -18.42 -24.51
N PHE A 161 21.64 -17.97 -24.63
CA PHE A 161 22.83 -18.67 -24.12
C PHE A 161 23.33 -17.71 -23.05
N CYS A 162 23.23 -18.16 -21.78
CA CYS A 162 23.31 -17.34 -20.58
C CYS A 162 24.48 -17.63 -19.69
N ARG A 163 24.95 -16.58 -19.01
CA ARG A 163 25.91 -16.74 -17.93
C ARG A 163 25.06 -17.05 -16.69
N VAL A 164 25.31 -18.15 -16.01
CA VAL A 164 24.49 -18.52 -14.85
C VAL A 164 25.41 -18.79 -13.67
N THR A 165 25.18 -18.07 -12.57
CA THR A 165 25.95 -18.25 -11.33
C THR A 165 25.28 -19.37 -10.52
N LEU A 166 25.93 -20.56 -10.43
CA LEU A 166 25.36 -21.67 -9.66
C LEU A 166 25.81 -21.65 -8.21
N GLY A 167 26.94 -21.02 -7.92
CA GLY A 167 27.49 -21.02 -6.57
C GLY A 167 27.56 -22.42 -6.00
N LYS A 168 27.14 -22.57 -4.74
CA LYS A 168 27.10 -23.88 -4.10
C LYS A 168 25.78 -24.51 -4.56
N SER A 169 25.89 -25.47 -5.47
CA SER A 169 24.74 -26.10 -6.12
C SER A 169 24.30 -27.39 -5.48
N PHE A 170 23.02 -27.46 -5.09
CA PHE A 170 22.43 -28.63 -4.45
C PHE A 170 22.12 -29.71 -5.49
N LEU A 171 22.84 -30.85 -5.43
CA LEU A 171 22.61 -31.94 -6.37
C LEU A 171 21.37 -32.74 -5.98
N GLN A 172 20.41 -32.84 -6.90
CA GLN A 172 19.17 -33.58 -6.69
C GLN A 172 18.80 -34.47 -7.88
N PHE A 173 18.29 -35.70 -7.61
CA PHE A 173 17.93 -36.65 -8.67
C PHE A 173 16.46 -36.71 -8.96
N SER A 174 15.62 -36.55 -7.92
CA SER A 174 14.17 -36.60 -8.04
C SER A 174 13.52 -35.24 -7.70
N ALA A 175 12.22 -35.12 -8.03
CA ALA A 175 11.39 -33.92 -7.81
C ALA A 175 11.50 -33.45 -6.37
N MET A 176 11.76 -32.15 -6.22
CA MET A 176 11.92 -31.50 -4.92
C MET A 176 11.36 -30.10 -5.16
N LYS A 177 10.08 -29.88 -4.85
CA LYS A 177 9.40 -28.63 -5.08
C LYS A 177 9.83 -27.59 -4.06
N MET A 178 10.81 -26.76 -4.46
CA MET A 178 11.16 -25.73 -3.51
CA MET A 178 11.44 -25.69 -3.66
C MET A 178 10.82 -24.33 -3.97
N ALA A 179 10.75 -23.42 -2.98
CA ALA A 179 10.38 -22.03 -3.21
C ALA A 179 11.68 -21.22 -3.39
N HIS A 180 12.77 -21.65 -2.73
CA HIS A 180 14.06 -20.95 -2.74
C HIS A 180 15.16 -21.97 -2.79
N SER A 181 16.39 -21.52 -2.92
CA SER A 181 17.53 -22.42 -2.85
C SER A 181 17.51 -23.14 -1.51
N PRO A 182 17.98 -24.38 -1.47
CA PRO A 182 18.12 -25.07 -0.18
C PRO A 182 19.02 -24.26 0.77
N PRO A 183 18.82 -24.37 2.10
CA PRO A 183 19.70 -23.65 3.04
C PRO A 183 21.19 -23.82 2.70
N GLY A 184 21.93 -22.73 2.73
CA GLY A 184 23.37 -22.73 2.45
C GLY A 184 23.78 -22.90 1.00
N HIS A 185 22.78 -22.99 0.09
CA HIS A 185 23.04 -23.19 -1.33
C HIS A 185 22.58 -22.00 -2.19
N HIS A 186 22.99 -22.00 -3.47
CA HIS A 186 22.68 -20.87 -4.38
C HIS A 186 21.93 -21.31 -5.63
N SER A 187 21.72 -22.63 -5.79
CA SER A 187 21.05 -23.20 -6.96
C SER A 187 20.81 -24.68 -6.72
N VAL A 188 20.09 -25.30 -7.66
CA VAL A 188 19.85 -26.76 -7.64
C VAL A 188 20.34 -27.30 -8.97
N THR A 189 21.07 -28.44 -8.95
CA THR A 189 21.46 -29.14 -10.17
C THR A 189 20.63 -30.42 -10.23
N GLY A 190 19.81 -30.52 -11.27
CA GLY A 190 19.03 -31.73 -11.50
C GLY A 190 19.90 -32.71 -12.24
N ARG A 191 20.28 -33.82 -11.60
CA ARG A 191 21.15 -34.81 -12.25
C ARG A 191 20.35 -35.96 -12.91
N PRO A 192 20.81 -36.49 -14.07
CA PRO A 192 20.10 -37.63 -14.68
C PRO A 192 20.08 -38.90 -13.80
N SER A 193 18.95 -39.65 -13.84
CA SER A 193 18.71 -40.91 -13.09
C SER A 193 17.71 -41.82 -13.84
N VAL A 194 17.94 -43.17 -13.79
CA VAL A 194 17.16 -44.23 -14.46
C VAL A 194 15.65 -43.94 -14.57
N ASN A 195 14.99 -43.67 -13.44
CA ASN A 195 13.56 -43.40 -13.35
C ASN A 195 13.23 -41.88 -13.32
N GLY A 196 14.23 -41.05 -13.53
CA GLY A 196 14.07 -39.60 -13.50
C GLY A 196 14.48 -38.88 -14.77
N LEU A 197 15.38 -37.89 -14.60
CA LEU A 197 15.86 -37.03 -15.67
C LEU A 197 16.69 -37.71 -16.71
N ALA A 198 16.38 -37.43 -17.97
CA ALA A 198 17.12 -37.95 -19.11
C ALA A 198 18.40 -37.12 -19.24
N LEU A 199 18.28 -35.78 -19.01
CA LEU A 199 19.42 -34.85 -19.16
C LEU A 199 19.46 -33.90 -17.95
N ALA A 200 20.61 -33.28 -17.71
CA ALA A 200 20.76 -32.35 -16.61
C ALA A 200 19.91 -31.07 -16.81
N GLU A 201 19.66 -30.39 -15.70
CA GLU A 201 19.02 -29.08 -15.70
C GLU A 201 19.55 -28.35 -14.47
N TYR A 202 19.55 -27.01 -14.55
CA TYR A 202 20.13 -26.14 -13.55
C TYR A 202 19.09 -25.13 -13.19
N VAL A 203 18.90 -24.91 -11.90
CA VAL A 203 17.81 -24.08 -11.43
C VAL A 203 18.30 -23.04 -10.44
N ILE A 204 17.93 -21.77 -10.72
CA ILE A 204 18.22 -20.68 -9.78
C ILE A 204 16.90 -20.14 -9.27
N TYR A 205 16.94 -19.52 -8.09
CA TYR A 205 15.72 -19.02 -7.44
C TYR A 205 15.77 -17.53 -7.27
N ARG A 206 16.80 -16.89 -7.87
CA ARG A 206 16.98 -15.43 -7.83
C ARG A 206 17.34 -15.01 -9.26
N GLY A 207 16.51 -14.18 -9.87
CA GLY A 207 16.69 -13.78 -11.27
C GLY A 207 18.03 -13.11 -11.57
N GLU A 208 18.60 -12.44 -10.56
CA GLU A 208 19.88 -11.77 -10.75
C GLU A 208 21.07 -12.73 -10.90
N GLN A 209 20.84 -14.06 -10.70
CA GLN A 209 21.91 -15.04 -10.86
C GLN A 209 22.09 -15.54 -12.31
N ALA A 210 21.46 -14.87 -13.29
CA ALA A 210 21.68 -15.20 -14.69
C ALA A 210 21.67 -13.94 -15.52
N TYR A 211 22.48 -13.95 -16.58
CA TYR A 211 22.56 -12.83 -17.50
C TYR A 211 22.33 -13.40 -18.92
N PRO A 212 21.41 -12.79 -19.68
CA PRO A 212 21.11 -13.30 -21.04
C PRO A 212 22.14 -12.84 -22.05
N GLU A 213 23.33 -13.43 -22.01
CA GLU A 213 24.47 -12.99 -22.79
C GLU A 213 24.30 -13.00 -24.32
N TYR A 214 23.77 -14.10 -24.87
CA TYR A 214 23.59 -14.23 -26.31
C TYR A 214 22.15 -14.55 -26.70
N LEU A 215 21.67 -13.85 -27.71
CA LEU A 215 20.36 -14.10 -28.28
C LEU A 215 20.60 -14.81 -29.60
N ILE A 216 20.14 -16.07 -29.68
CA ILE A 216 20.36 -16.91 -30.87
C ILE A 216 19.05 -17.02 -31.64
N THR A 217 19.07 -16.62 -32.92
CA THR A 217 17.88 -16.72 -33.80
C THR A 217 18.16 -17.90 -34.71
N TYR A 218 17.22 -18.84 -34.76
CA TYR A 218 17.48 -20.10 -35.48
C TYR A 218 16.21 -20.80 -35.93
N GLN A 219 16.37 -21.85 -36.76
CA GLN A 219 15.26 -22.72 -37.09
C GLN A 219 15.73 -24.12 -36.78
N ILE A 220 14.78 -25.03 -36.45
CA ILE A 220 15.13 -26.43 -36.39
C ILE A 220 15.08 -26.90 -37.86
N MET A 221 15.92 -27.87 -38.21
CA MET A 221 15.98 -28.34 -39.62
C MET A 221 15.41 -29.74 -39.76
N ARG A 222 14.62 -29.97 -40.84
CA ARG A 222 14.06 -31.28 -41.15
C ARG A 222 15.20 -32.28 -41.31
N PRO A 223 15.15 -33.44 -40.60
CA PRO A 223 16.26 -34.41 -40.72
C PRO A 223 16.38 -35.02 -42.13
N TYR B 18 2.29 23.13 25.16
CA TYR B 18 1.00 23.16 24.47
C TYR B 18 -0.08 23.99 25.16
N PHE B 19 -0.08 24.14 26.48
CA PHE B 19 -1.09 24.96 27.19
C PHE B 19 -0.73 26.28 27.95
N GLN B 20 -1.52 27.36 27.85
CA GLN B 20 -1.21 28.60 28.59
C GLN B 20 -2.38 29.19 29.34
N GLY B 21 -2.11 29.65 30.55
CA GLY B 21 -2.98 30.47 31.37
C GLY B 21 -3.60 29.75 32.56
N ASP B 25 -7.99 38.01 34.46
CA ASP B 25 -7.45 38.24 33.11
C ASP B 25 -8.46 38.04 31.97
N LYS B 26 -8.17 38.71 30.90
CA LYS B 26 -9.13 39.22 30.02
C LYS B 26 -9.46 38.27 28.90
N GLU B 27 -8.51 37.41 28.57
CA GLU B 27 -8.78 36.37 27.60
C GLU B 27 -9.64 35.30 28.24
N PHE B 28 -9.25 34.84 29.47
CA PHE B 28 -9.99 33.88 30.27
C PHE B 28 -11.41 34.41 30.43
N GLN B 29 -11.55 35.70 30.79
CA GLN B 29 -12.83 36.36 31.02
C GLN B 29 -13.73 36.40 29.78
N SER B 30 -13.17 36.70 28.60
CA SER B 30 -13.95 36.73 27.35
C SER B 30 -14.52 35.33 27.02
N VAL B 31 -13.69 34.29 27.22
CA VAL B 31 -14.07 32.90 26.99
C VAL B 31 -15.09 32.42 28.07
N GLU B 32 -14.85 32.76 29.37
CA GLU B 32 -15.79 32.38 30.43
C GLU B 32 -17.15 33.04 30.10
N GLU B 33 -17.13 34.30 29.64
CA GLU B 33 -18.37 35.02 29.30
C GLU B 33 -19.13 34.36 28.15
N GLU B 34 -18.42 33.90 27.10
CA GLU B 34 -19.05 33.22 25.96
CA GLU B 34 -19.07 33.22 25.96
C GLU B 34 -19.65 31.89 26.42
N MET B 35 -18.93 31.20 27.28
CA MET B 35 -19.36 29.94 27.86
C MET B 35 -20.67 30.15 28.67
N GLN B 36 -20.64 31.10 29.63
CA GLN B 36 -21.82 31.38 30.47
C GLN B 36 -23.03 32.00 29.74
N SER B 37 -22.80 33.02 28.91
CA SER B 37 -23.88 33.77 28.29
C SER B 37 -24.63 33.06 27.17
N THR B 38 -24.02 32.01 26.57
CA THR B 38 -24.67 31.33 25.45
C THR B 38 -25.44 30.09 25.92
N VAL B 39 -25.57 29.88 27.25
CA VAL B 39 -26.37 28.76 27.78
C VAL B 39 -27.83 29.05 27.42
N ARG B 40 -28.56 28.03 26.96
CA ARG B 40 -29.98 28.16 26.66
C ARG B 40 -30.74 27.00 27.33
N GLU B 41 -32.05 27.17 27.47
CA GLU B 41 -32.94 26.13 27.97
C GLU B 41 -33.12 25.16 26.80
N HIS B 42 -32.86 23.88 27.03
CA HIS B 42 -32.96 22.92 25.94
C HIS B 42 -34.32 22.23 25.89
N ARG B 43 -34.79 21.95 24.67
CA ARG B 43 -36.04 21.28 24.35
C ARG B 43 -36.16 19.90 24.98
N ASP B 44 -35.01 19.22 25.19
CA ASP B 44 -35.01 17.89 25.79
C ASP B 44 -35.16 17.95 27.33
N GLY B 45 -35.38 19.16 27.89
CA GLY B 45 -35.52 19.36 29.33
C GLY B 45 -34.30 18.99 30.17
N GLY B 46 -33.11 18.97 29.54
CA GLY B 46 -31.90 18.61 30.24
C GLY B 46 -31.53 17.16 30.09
N HIS B 47 -32.30 16.41 29.29
CA HIS B 47 -32.03 14.98 29.14
C HIS B 47 -30.57 14.65 28.78
N ALA B 48 -30.07 15.21 27.69
CA ALA B 48 -28.73 14.87 27.24
C ALA B 48 -27.60 15.52 28.07
N GLY B 49 -27.75 16.80 28.38
CA GLY B 49 -26.69 17.57 29.01
C GLY B 49 -26.77 17.86 30.50
N GLY B 50 -27.92 17.59 31.11
CA GLY B 50 -28.08 17.88 32.52
C GLY B 50 -28.91 19.11 32.75
N ILE B 51 -29.31 19.34 34.02
CA ILE B 51 -30.14 20.50 34.38
C ILE B 51 -29.24 21.53 35.07
N PHE B 52 -29.18 22.72 34.47
CA PHE B 52 -28.33 23.81 34.95
C PHE B 52 -28.66 25.11 34.22
N ASN B 53 -28.26 26.25 34.80
CA ASN B 53 -28.38 27.56 34.15
C ASN B 53 -27.01 28.18 33.99
N ARG B 54 -26.03 27.68 34.74
CA ARG B 54 -24.66 28.19 34.69
C ARG B 54 -23.65 27.09 34.95
N TYR B 55 -22.38 27.40 34.72
CA TYR B 55 -21.30 26.47 34.97
C TYR B 55 -20.40 26.99 36.07
N ASN B 56 -19.61 26.09 36.64
CA ASN B 56 -18.50 26.41 37.51
C ASN B 56 -17.29 26.19 36.59
N ILE B 57 -16.65 27.28 36.09
CA ILE B 57 -15.50 27.12 35.22
CA ILE B 57 -15.48 27.18 35.21
C ILE B 57 -14.26 26.92 36.05
N LEU B 58 -13.59 25.76 35.87
CA LEU B 58 -12.41 25.39 36.66
C LEU B 58 -11.10 25.86 36.07
N LYS B 59 -10.95 25.71 34.76
CA LYS B 59 -9.70 26.05 34.10
C LYS B 59 -10.02 26.37 32.63
N ILE B 60 -9.28 27.35 32.05
CA ILE B 60 -9.35 27.69 30.63
C ILE B 60 -7.90 27.70 30.16
N GLN B 61 -7.56 26.80 29.23
CA GLN B 61 -6.21 26.67 28.69
C GLN B 61 -6.19 26.94 27.20
N LYS B 62 -5.30 27.82 26.77
CA LYS B 62 -5.05 28.13 25.36
C LYS B 62 -4.17 27.01 24.81
N VAL B 63 -4.59 26.46 23.67
CA VAL B 63 -3.91 25.37 23.01
C VAL B 63 -2.95 25.95 21.96
N CYS B 64 -1.66 25.59 22.05
CA CYS B 64 -0.64 26.08 21.13
C CYS B 64 0.00 24.89 20.46
N ASN B 65 -0.60 24.47 19.33
CA ASN B 65 -0.15 23.35 18.54
C ASN B 65 0.23 23.93 17.15
N LYS B 66 1.53 24.16 16.94
CA LYS B 66 2.04 24.77 15.69
C LYS B 66 1.67 24.05 14.39
N LYS B 67 1.78 22.70 14.34
CA LYS B 67 1.42 21.89 13.16
C LYS B 67 -0.07 22.09 12.83
N LEU B 68 -0.93 22.02 13.86
CA LEU B 68 -2.37 22.23 13.66
C LEU B 68 -2.67 23.67 13.23
N TRP B 69 -1.97 24.65 13.82
CA TRP B 69 -2.15 26.07 13.47
C TRP B 69 -1.75 26.34 12.02
N GLU B 70 -0.63 25.76 11.56
CA GLU B 70 -0.19 25.92 10.18
C GLU B 70 -1.16 25.30 9.20
N ARG B 71 -1.69 24.10 9.53
CA ARG B 71 -2.67 23.42 8.69
C ARG B 71 -3.94 24.26 8.62
N TYR B 72 -4.37 24.80 9.78
CA TYR B 72 -5.57 25.60 9.84
C TYR B 72 -5.43 26.90 8.99
N THR B 73 -4.33 27.65 9.18
CA THR B 73 -4.11 28.94 8.47
C THR B 73 -3.93 28.75 6.99
N HIS B 74 -3.29 27.63 6.58
CA HIS B 74 -3.12 27.35 5.14
C HIS B 74 -4.50 27.18 4.50
N ARG B 75 -5.38 26.38 5.15
CA ARG B 75 -6.72 26.16 4.62
C ARG B 75 -7.52 27.45 4.68
N ARG B 76 -7.39 28.22 5.77
CA ARG B 76 -8.18 29.46 5.95
C ARG B 76 -7.92 30.45 4.79
N LYS B 77 -6.64 30.53 4.36
CA LYS B 77 -6.24 31.41 3.27
C LYS B 77 -6.85 30.93 1.96
N GLU B 78 -6.83 29.62 1.73
CA GLU B 78 -7.42 28.99 0.54
C GLU B 78 -8.92 29.26 0.51
N VAL B 79 -9.61 29.06 1.64
CA VAL B 79 -11.06 29.31 1.68
C VAL B 79 -11.38 30.82 1.46
N SER B 80 -10.64 31.71 2.12
CA SER B 80 -10.86 33.15 1.96
C SER B 80 -10.75 33.54 0.49
N GLU B 81 -9.76 32.98 -0.21
CA GLU B 81 -9.56 33.27 -1.65
C GLU B 81 -10.70 32.76 -2.54
N GLU B 82 -11.36 31.68 -2.10
CA GLU B 82 -12.49 31.08 -2.79
C GLU B 82 -13.81 31.68 -2.32
N ASN B 83 -13.78 32.61 -1.36
CA ASN B 83 -15.02 33.21 -0.82
C ASN B 83 -14.97 34.70 -0.91
N HIS B 84 -14.46 35.21 -2.06
CA HIS B 84 -14.38 36.64 -2.34
C HIS B 84 -13.69 37.40 -1.20
N ASN B 85 -12.60 36.80 -0.64
CA ASN B 85 -11.73 37.33 0.43
C ASN B 85 -12.32 37.36 1.83
N HIS B 86 -13.25 36.45 2.08
CA HIS B 86 -13.86 36.32 3.40
C HIS B 86 -13.65 34.90 3.92
N ALA B 87 -12.87 34.76 4.99
CA ALA B 87 -12.69 33.43 5.61
C ALA B 87 -13.98 33.02 6.32
N ASN B 88 -14.81 34.01 6.77
CA ASN B 88 -16.04 33.75 7.50
C ASN B 88 -15.71 32.83 8.71
N GLU B 89 -14.73 33.26 9.50
CA GLU B 89 -14.26 32.55 10.69
C GLU B 89 -15.15 32.89 11.89
N ARG B 90 -15.48 31.86 12.71
CA ARG B 90 -16.27 32.06 13.92
C ARG B 90 -15.62 31.30 15.06
N MET B 91 -15.82 31.80 16.31
CA MET B 91 -15.38 31.09 17.51
C MET B 91 -16.62 30.25 17.91
N LEU B 92 -16.50 28.91 17.93
CA LEU B 92 -17.64 28.00 18.15
C LEU B 92 -17.26 26.90 19.12
N PHE B 93 -18.25 26.38 19.83
CA PHE B 93 -17.96 25.30 20.78
C PHE B 93 -18.04 23.94 20.11
N HIS B 94 -17.34 22.97 20.72
CA HIS B 94 -17.37 21.58 20.31
C HIS B 94 -17.26 20.71 21.56
N GLY B 95 -18.21 19.82 21.72
CA GLY B 95 -18.19 18.83 22.79
C GLY B 95 -17.92 17.45 22.22
N SER B 96 -17.06 16.71 22.93
CA SER B 96 -16.63 15.39 22.50
C SER B 96 -15.98 14.66 23.66
N PRO B 97 -16.14 13.32 23.76
CA PRO B 97 -15.33 12.57 24.74
C PRO B 97 -13.84 12.50 24.32
N PHE B 98 -13.51 12.87 23.04
CA PHE B 98 -12.15 12.77 22.52
C PHE B 98 -11.38 14.08 22.37
N VAL B 99 -11.69 15.08 23.24
CA VAL B 99 -11.02 16.38 23.19
C VAL B 99 -9.49 16.28 23.31
N ASN B 100 -8.96 15.28 24.07
CA ASN B 100 -7.50 15.13 24.16
C ASN B 100 -6.83 14.71 22.87
N ALA B 101 -7.45 13.77 22.13
CA ALA B 101 -6.99 13.38 20.82
C ALA B 101 -7.09 14.57 19.82
N ILE B 102 -8.19 15.38 19.91
CA ILE B 102 -8.35 16.56 19.01
C ILE B 102 -7.22 17.58 19.19
N ILE B 103 -6.88 17.91 20.44
CA ILE B 103 -5.81 18.88 20.75
C ILE B 103 -4.46 18.42 20.18
N HIS B 104 -4.22 17.12 20.20
CA HIS B 104 -2.94 16.59 19.70
C HIS B 104 -2.89 16.38 18.19
N LYS B 105 -3.92 15.74 17.64
CA LYS B 105 -3.98 15.33 16.25
C LYS B 105 -4.82 16.21 15.35
N GLY B 106 -5.68 17.02 15.95
CA GLY B 106 -6.61 17.87 15.19
C GLY B 106 -7.95 17.23 14.93
N PHE B 107 -8.86 18.02 14.34
CA PHE B 107 -10.15 17.49 13.92
C PHE B 107 -9.92 16.60 12.69
N ASP B 108 -10.73 15.57 12.56
CA ASP B 108 -10.49 14.60 11.49
C ASP B 108 -11.80 14.12 10.94
N GLU B 109 -12.14 14.54 9.70
CA GLU B 109 -13.40 14.13 9.08
C GLU B 109 -13.51 12.62 8.86
N ARG B 110 -12.37 11.89 8.87
CA ARG B 110 -12.44 10.44 8.68
C ARG B 110 -13.17 9.74 9.85
N HIS B 111 -13.33 10.44 11.01
CA HIS B 111 -14.08 9.93 12.16
C HIS B 111 -15.54 10.37 12.08
N ALA B 112 -15.93 11.02 10.97
CA ALA B 112 -17.31 11.51 10.77
C ALA B 112 -18.04 10.62 9.73
N TYR B 113 -19.27 10.18 10.08
CA TYR B 113 -20.13 9.30 9.27
C TYR B 113 -21.49 9.93 8.93
N ILE B 114 -22.11 9.44 7.85
CA ILE B 114 -23.34 9.91 7.19
C ILE B 114 -24.62 10.08 8.03
N GLY B 115 -24.70 9.40 9.17
CA GLY B 115 -25.85 9.44 10.07
C GLY B 115 -26.27 10.76 10.73
N GLY B 116 -25.40 11.77 10.71
CA GLY B 116 -25.72 13.06 11.34
C GLY B 116 -26.77 13.84 10.55
N MET B 117 -27.38 14.88 11.18
CA MET B 117 -28.40 15.72 10.50
C MET B 117 -27.91 16.24 9.15
N PHE B 118 -26.63 16.63 9.09
CA PHE B 118 -26.00 17.15 7.87
C PHE B 118 -24.89 16.23 7.36
N GLY B 119 -25.01 14.96 7.69
CA GLY B 119 -24.10 13.95 7.17
C GLY B 119 -22.76 13.89 7.86
N ALA B 120 -21.76 13.43 7.11
CA ALA B 120 -20.41 13.13 7.62
C ALA B 120 -19.50 14.34 7.80
N GLY B 121 -19.92 15.22 8.70
CA GLY B 121 -19.20 16.43 9.03
C GLY B 121 -18.81 16.47 10.49
N ILE B 122 -18.14 17.56 10.86
CA ILE B 122 -17.67 17.84 12.23
C ILE B 122 -18.56 19.01 12.65
N TYR B 123 -19.25 18.84 13.76
CA TYR B 123 -20.31 19.73 14.23
C TYR B 123 -19.91 20.65 15.37
N PHE B 124 -20.34 21.93 15.27
CA PHE B 124 -20.02 22.96 16.23
C PHE B 124 -21.31 23.70 16.58
N ALA B 125 -21.30 24.36 17.73
CA ALA B 125 -22.43 25.14 18.22
C ALA B 125 -21.98 26.52 18.65
N GLU B 126 -22.91 27.50 18.54
CA GLU B 126 -22.62 28.83 19.06
C GLU B 126 -23.16 28.91 20.49
N ASN B 127 -23.84 27.82 20.97
CA ASN B 127 -24.38 27.76 22.33
C ASN B 127 -23.61 26.73 23.13
N SER B 128 -22.88 27.16 24.18
CA SER B 128 -22.03 26.22 24.94
C SER B 128 -22.88 25.03 25.44
N SER B 129 -24.13 25.31 25.88
CA SER B 129 -24.99 24.25 26.42
C SER B 129 -25.42 23.22 25.36
N LYS B 130 -25.44 23.62 24.05
CA LYS B 130 -25.68 22.63 22.99
C LYS B 130 -24.48 21.66 22.91
N SER B 131 -23.23 22.21 22.91
CA SER B 131 -22.04 21.37 22.86
C SER B 131 -21.91 20.48 24.12
N ASN B 132 -22.38 20.99 25.28
CA ASN B 132 -22.35 20.24 26.52
C ASN B 132 -23.18 18.94 26.39
N GLN B 133 -24.19 18.92 25.50
CA GLN B 133 -25.01 17.70 25.27
C GLN B 133 -24.22 16.57 24.64
N TYR B 134 -23.00 16.85 24.14
CA TYR B 134 -22.17 15.86 23.42
C TYR B 134 -20.90 15.46 24.13
N VAL B 135 -20.62 16.08 25.28
CA VAL B 135 -19.39 15.81 26.02
C VAL B 135 -19.24 14.34 26.41
N TYR B 136 -20.36 13.70 26.77
CA TYR B 136 -20.33 12.27 27.17
C TYR B 136 -20.75 11.29 26.07
N GLY B 137 -20.87 11.81 24.84
CA GLY B 137 -21.26 11.03 23.66
C GLY B 137 -22.54 11.56 23.05
N ILE B 138 -23.04 10.93 21.95
CA ILE B 138 -24.31 11.36 21.33
C ILE B 138 -25.46 11.20 22.34
N GLY B 139 -26.28 12.23 22.46
CA GLY B 139 -27.40 12.24 23.40
C GLY B 139 -26.94 12.20 24.85
N GLY B 140 -25.67 12.55 25.07
CA GLY B 140 -25.04 12.54 26.39
C GLY B 140 -24.52 11.17 26.81
N GLY B 141 -24.57 10.19 25.89
CA GLY B 141 -24.14 8.81 26.15
C GLY B 141 -24.81 8.26 27.39
N THR B 142 -24.02 7.69 28.31
CA THR B 142 -24.51 7.20 29.60
C THR B 142 -24.01 8.15 30.69
N GLY B 143 -23.70 9.39 30.31
CA GLY B 143 -23.24 10.42 31.23
C GLY B 143 -21.82 10.20 31.71
N CYS B 144 -21.50 10.73 32.89
CA CYS B 144 -20.14 10.66 33.44
C CYS B 144 -19.67 9.22 33.64
N PRO B 145 -18.36 8.93 33.47
CA PRO B 145 -17.88 7.55 33.68
C PRO B 145 -18.12 6.99 35.10
N VAL B 146 -17.99 7.82 36.16
CA VAL B 146 -18.11 7.38 37.56
C VAL B 146 -19.52 7.11 38.06
N HIS B 147 -20.48 8.00 37.76
CA HIS B 147 -21.85 7.88 38.26
C HIS B 147 -22.89 7.53 37.19
N LYS B 148 -22.50 7.47 35.89
CA LYS B 148 -23.41 7.19 34.77
C LYS B 148 -24.62 8.15 34.82
N ASP B 149 -24.32 9.41 35.12
CA ASP B 149 -25.26 10.46 35.30
C ASP B 149 -25.01 11.55 34.26
N ARG B 150 -25.99 11.77 33.35
CA ARG B 150 -25.85 12.84 32.36
C ARG B 150 -25.98 14.21 33.02
N SER B 151 -26.56 14.28 34.24
CA SER B 151 -26.63 15.56 34.95
C SER B 151 -25.67 15.61 36.14
N CYS B 152 -24.53 14.87 36.08
CA CYS B 152 -23.55 14.86 37.18
C CYS B 152 -23.02 16.24 37.48
N TYR B 153 -23.15 16.67 38.75
CA TYR B 153 -22.64 17.96 39.23
C TYR B 153 -21.24 17.80 39.85
N ILE B 154 -20.78 16.56 40.03
CA ILE B 154 -19.49 16.23 40.68
C ILE B 154 -18.32 16.14 39.68
N CYS B 155 -18.47 15.30 38.63
CA CYS B 155 -17.43 15.06 37.65
C CYS B 155 -17.15 16.27 36.78
N HIS B 156 -15.88 16.47 36.49
CA HIS B 156 -15.42 17.59 35.67
C HIS B 156 -15.52 17.21 34.20
N ARG B 157 -16.10 18.13 33.43
CA ARG B 157 -16.35 18.02 32.00
C ARG B 157 -15.35 18.93 31.23
N GLN B 158 -15.11 18.62 29.95
CA GLN B 158 -14.26 19.46 29.12
C GLN B 158 -14.96 19.77 27.82
N LEU B 159 -14.86 21.01 27.36
CA LEU B 159 -15.40 21.48 26.06
C LEU B 159 -14.27 22.20 25.32
N LEU B 160 -14.35 22.26 23.99
CA LEU B 160 -13.37 23.03 23.23
C LEU B 160 -14.06 24.30 22.73
N PHE B 161 -13.37 25.44 22.73
CA PHE B 161 -13.88 26.68 22.11
C PHE B 161 -12.88 26.93 20.99
N CYS B 162 -13.38 26.75 19.75
CA CYS B 162 -12.62 26.59 18.50
C CYS B 162 -12.69 27.72 17.54
N ARG B 163 -11.61 27.90 16.77
CA ARG B 163 -11.61 28.80 15.64
C ARG B 163 -12.10 27.94 14.44
N VAL B 164 -13.19 28.35 13.78
CA VAL B 164 -13.74 27.55 12.68
C VAL B 164 -13.86 28.39 11.42
N THR B 165 -13.33 27.91 10.31
CA THR B 165 -13.45 28.60 9.02
C THR B 165 -14.72 28.09 8.33
N LEU B 166 -15.73 28.94 8.17
CA LEU B 166 -16.97 28.54 7.54
C LEU B 166 -17.00 28.86 6.04
N GLY B 167 -16.21 29.85 5.62
CA GLY B 167 -16.17 30.26 4.23
C GLY B 167 -17.57 30.54 3.71
N LYS B 168 -17.85 30.04 2.47
CA LYS B 168 -19.17 30.20 1.86
C LYS B 168 -20.01 29.09 2.46
N SER B 169 -20.88 29.45 3.42
CA SER B 169 -21.62 28.46 4.16
C SER B 169 -22.99 28.27 3.60
N PHE B 170 -23.33 27.02 3.35
CA PHE B 170 -24.60 26.62 2.75
C PHE B 170 -25.67 26.55 3.84
N LEU B 171 -26.66 27.46 3.76
CA LEU B 171 -27.73 27.52 4.76
C LEU B 171 -28.76 26.46 4.53
N GLN B 172 -29.14 25.76 5.61
CA GLN B 172 -30.10 24.68 5.54
C GLN B 172 -30.99 24.68 6.76
N PHE B 173 -32.28 24.45 6.55
CA PHE B 173 -33.25 24.43 7.64
C PHE B 173 -33.58 23.00 8.02
N SER B 174 -33.62 22.09 7.05
CA SER B 174 -33.97 20.69 7.27
C SER B 174 -32.77 19.77 7.07
N ALA B 175 -32.89 18.51 7.52
CA ALA B 175 -31.83 17.50 7.37
C ALA B 175 -31.43 17.34 5.90
N MET B 176 -30.12 17.25 5.65
CA MET B 176 -29.52 17.12 4.32
C MET B 176 -28.23 16.37 4.56
N LYS B 177 -28.28 15.05 4.38
CA LYS B 177 -27.12 14.21 4.61
C LYS B 177 -26.12 14.36 3.47
N MET B 178 -24.95 14.95 3.78
CA MET B 178 -23.84 15.25 2.86
CA MET B 178 -23.95 14.97 2.73
C MET B 178 -22.63 14.40 3.21
N ALA B 179 -21.76 14.11 2.25
CA ALA B 179 -20.45 13.52 2.49
C ALA B 179 -19.47 14.70 2.61
N HIS B 180 -19.62 15.72 1.73
CA HIS B 180 -18.70 16.84 1.61
C HIS B 180 -19.50 18.14 1.58
N SER B 181 -18.83 19.28 1.64
CA SER B 181 -19.57 20.56 1.51
C SER B 181 -20.32 20.57 0.17
N PRO B 182 -21.44 21.30 0.04
CA PRO B 182 -22.06 21.37 -1.29
C PRO B 182 -21.11 22.05 -2.29
N PRO B 183 -21.27 21.80 -3.61
CA PRO B 183 -20.43 22.45 -4.61
C PRO B 183 -20.32 23.95 -4.42
N GLY B 184 -19.11 24.47 -4.52
CA GLY B 184 -18.81 25.90 -4.35
C GLY B 184 -18.87 26.43 -2.93
N HIS B 185 -19.18 25.54 -1.95
CA HIS B 185 -19.27 25.92 -0.53
C HIS B 185 -18.15 25.32 0.36
N HIS B 186 -18.05 25.82 1.60
CA HIS B 186 -17.00 25.37 2.52
C HIS B 186 -17.55 24.83 3.83
N SER B 187 -18.87 24.91 4.05
CA SER B 187 -19.50 24.44 5.28
C SER B 187 -20.99 24.44 5.11
N VAL B 188 -21.70 23.95 6.14
CA VAL B 188 -23.16 23.93 6.20
C VAL B 188 -23.54 24.59 7.50
N THR B 189 -24.55 25.48 7.46
CA THR B 189 -25.08 26.14 8.66
C THR B 189 -26.52 25.66 8.79
N GLY B 190 -26.82 25.02 9.91
CA GLY B 190 -28.17 24.60 10.24
C GLY B 190 -28.81 25.78 10.95
N ARG B 191 -29.83 26.39 10.31
CA ARG B 191 -30.51 27.56 10.89
C ARG B 191 -31.73 27.08 11.66
N PRO B 192 -32.04 27.70 12.79
CA PRO B 192 -33.24 27.33 13.52
C PRO B 192 -34.51 27.64 12.73
N SER B 193 -35.52 26.82 12.88
CA SER B 193 -36.79 27.02 12.26
C SER B 193 -37.87 26.22 13.00
N VAL B 194 -39.10 26.75 12.99
CA VAL B 194 -40.26 26.10 13.57
C VAL B 194 -40.25 24.56 13.68
N GLY B 196 -37.11 21.21 12.57
CA GLY B 196 -36.97 22.58 12.95
C GLY B 196 -35.96 22.55 14.08
N LEU B 197 -34.72 22.87 13.77
CA LEU B 197 -33.71 23.06 14.78
C LEU B 197 -34.15 24.13 15.75
N ALA B 198 -33.81 23.94 17.01
CA ALA B 198 -34.08 24.91 18.06
C ALA B 198 -32.97 25.96 18.08
N LEU B 199 -31.71 25.53 17.85
CA LEU B 199 -30.53 26.40 17.90
C LEU B 199 -29.65 26.12 16.67
N ALA B 200 -28.79 27.06 16.32
CA ALA B 200 -27.94 26.89 15.15
C ALA B 200 -26.91 25.78 15.36
N GLU B 201 -26.36 25.28 14.25
CA GLU B 201 -25.20 24.41 14.25
C GLU B 201 -24.42 24.65 12.97
N TYR B 202 -23.12 24.36 13.02
CA TYR B 202 -22.19 24.64 11.94
C TYR B 202 -21.39 23.41 11.69
N VAL B 203 -21.29 23.04 10.40
CA VAL B 203 -20.68 21.78 10.03
C VAL B 203 -19.61 21.99 9.01
N ILE B 204 -18.45 21.39 9.27
CA ILE B 204 -17.36 21.41 8.28
C ILE B 204 -17.09 19.95 7.87
N TYR B 205 -16.53 19.76 6.68
CA TYR B 205 -16.32 18.42 6.13
C TYR B 205 -14.83 18.16 5.88
N ARG B 206 -13.98 19.08 6.35
CA ARG B 206 -12.51 18.98 6.26
C ARG B 206 -11.98 19.38 7.63
N GLY B 207 -11.28 18.45 8.28
CA GLY B 207 -10.74 18.67 9.62
C GLY B 207 -9.84 19.88 9.81
N GLU B 208 -9.14 20.26 8.75
CA GLU B 208 -8.27 21.42 8.75
C GLU B 208 -9.00 22.77 8.87
N GLN B 209 -10.35 22.78 8.78
CA GLN B 209 -11.12 24.01 8.87
C GLN B 209 -11.46 24.40 10.30
N ALA B 210 -10.86 23.71 11.29
CA ALA B 210 -11.04 24.14 12.66
C ALA B 210 -9.74 23.98 13.44
N TYR B 211 -9.56 24.86 14.45
CA TYR B 211 -8.41 24.84 15.34
C TYR B 211 -8.94 24.80 16.76
N PRO B 212 -8.49 23.81 17.57
CA PRO B 212 -9.00 23.69 18.96
C PRO B 212 -8.33 24.67 19.89
N GLU B 213 -8.70 25.95 19.81
CA GLU B 213 -8.04 27.07 20.47
C GLU B 213 -8.04 27.05 22.00
N TYR B 214 -9.21 26.73 22.63
CA TYR B 214 -9.26 26.71 24.09
C TYR B 214 -9.87 25.44 24.60
N LEU B 215 -9.25 24.86 25.65
CA LEU B 215 -9.77 23.70 26.35
C LEU B 215 -10.38 24.24 27.64
N ILE B 216 -11.70 24.03 27.82
CA ILE B 216 -12.43 24.54 28.99
C ILE B 216 -12.78 23.39 29.93
N THR B 217 -12.28 23.42 31.20
CA THR B 217 -12.61 22.39 32.20
C THR B 217 -13.67 23.01 33.13
N TYR B 218 -14.78 22.31 33.34
CA TYR B 218 -15.90 22.92 34.06
C TYR B 218 -16.81 21.88 34.66
N GLN B 219 -17.73 22.33 35.50
CA GLN B 219 -18.83 21.50 35.99
C GLN B 219 -20.09 22.23 35.65
N ILE B 220 -21.22 21.51 35.44
CA ILE B 220 -22.49 22.22 35.37
C ILE B 220 -22.85 22.43 36.87
N MET B 221 -23.54 23.51 37.15
CA MET B 221 -23.94 23.78 38.54
C MET B 221 -25.41 23.47 38.81
N ARG B 222 -25.66 22.98 40.03
CA ARG B 222 -27.01 22.70 40.50
C ARG B 222 -27.76 24.04 40.59
N PRO B 223 -28.94 24.20 39.94
CA PRO B 223 -29.64 25.50 39.99
C PRO B 223 -30.08 25.91 41.40
N LEU C 17 28.58 -7.14 17.25
CA LEU C 17 27.85 -6.12 16.51
C LEU C 17 26.95 -5.30 17.43
N TYR C 18 26.61 -5.43 19.02
CA TYR C 18 25.60 -4.68 19.70
C TYR C 18 26.08 -3.42 20.44
N PHE C 19 25.40 -2.31 20.24
CA PHE C 19 25.67 -1.08 20.92
C PHE C 19 24.48 -0.61 21.75
N GLN C 20 24.63 -0.70 23.06
CA GLN C 20 23.51 -0.34 23.92
C GLN C 20 23.15 1.12 23.78
N GLY C 21 21.87 1.36 23.70
CA GLY C 21 21.37 2.62 23.35
C GLY C 21 21.21 3.48 24.56
N SER C 22 21.55 4.74 24.37
CA SER C 22 21.40 5.79 25.33
C SER C 22 19.91 6.02 25.54
N PRO C 23 19.44 5.70 26.72
CA PRO C 23 18.00 5.72 27.02
C PRO C 23 17.42 7.08 27.26
N ASP C 24 18.24 8.13 27.26
CA ASP C 24 17.73 9.47 27.27
C ASP C 24 17.61 9.96 25.86
N ASP C 25 18.04 9.13 24.92
CA ASP C 25 18.00 9.49 23.53
C ASP C 25 16.63 9.39 22.85
N LYS C 26 16.39 10.27 21.91
CA LYS C 26 15.13 10.35 21.19
C LYS C 26 14.82 9.05 20.52
N GLU C 27 15.84 8.50 19.88
CA GLU C 27 15.77 7.37 19.02
C GLU C 27 15.36 6.17 19.85
N PHE C 28 15.97 5.94 20.97
CA PHE C 28 15.51 4.87 21.78
C PHE C 28 14.14 5.05 22.49
N GLN C 29 13.75 6.25 22.87
CA GLN C 29 12.41 6.50 23.35
C GLN C 29 11.40 6.23 22.22
N SER C 30 11.78 6.51 21.01
CA SER C 30 10.93 6.25 19.88
C SER C 30 10.59 4.74 19.75
N VAL C 31 11.61 3.92 19.92
CA VAL C 31 11.49 2.49 19.84
C VAL C 31 10.62 1.99 20.97
N GLU C 32 10.85 2.47 22.19
CA GLU C 32 10.01 2.06 23.33
C GLU C 32 8.54 2.40 23.05
N GLU C 33 8.27 3.62 22.56
CA GLU C 33 6.91 4.08 22.28
C GLU C 33 6.25 3.21 21.20
N GLU C 34 7.00 2.84 20.16
CA GLU C 34 6.40 1.98 19.12
C GLU C 34 6.06 0.60 19.73
N MET C 35 6.94 0.09 20.57
CA MET C 35 6.76 -1.18 21.22
C MET C 35 5.48 -1.15 22.10
N GLN C 36 5.35 -0.15 22.97
CA GLN C 36 4.21 -0.04 23.86
C GLN C 36 2.89 0.31 23.18
N SER C 37 2.90 1.32 22.29
CA SER C 37 1.66 1.84 21.67
C SER C 37 1.01 0.91 20.66
N THR C 38 1.78 -0.06 20.12
CA THR C 38 1.23 -0.95 19.09
C THR C 38 0.67 -2.25 19.66
N VAL C 39 0.67 -2.42 20.98
CA VAL C 39 0.08 -3.60 21.67
C VAL C 39 -1.42 -3.64 21.37
N ARG C 40 -1.93 -4.82 21.09
CA ARG C 40 -3.36 -5.07 20.88
C ARG C 40 -3.84 -6.28 21.67
N GLU C 41 -5.16 -6.40 21.87
CA GLU C 41 -5.74 -7.57 22.54
C GLU C 41 -5.86 -8.62 21.44
N HIS C 42 -5.33 -9.81 21.70
CA HIS C 42 -5.34 -10.82 20.65
C HIS C 42 -6.58 -11.69 20.69
N ARG C 43 -7.07 -12.08 19.51
CA ARG C 43 -8.27 -12.95 19.38
C ARG C 43 -8.13 -14.24 20.20
N ASP C 44 -6.91 -14.76 20.35
CA ASP C 44 -6.67 -16.02 21.04
C ASP C 44 -6.70 -15.91 22.58
N GLY C 45 -7.06 -14.73 23.09
CA GLY C 45 -7.14 -14.44 24.52
C GLY C 45 -5.81 -14.52 25.26
N GLY C 46 -4.70 -14.45 24.50
CA GLY C 46 -3.36 -14.54 25.07
C GLY C 46 -2.75 -15.92 25.01
N HIS C 47 -3.41 -16.89 24.36
CA HIS C 47 -2.88 -18.25 24.28
C HIS C 47 -1.39 -18.33 23.82
N ALA C 48 -1.08 -17.69 22.69
CA ALA C 48 0.26 -17.77 22.11
C ALA C 48 1.30 -16.91 22.79
N GLY C 49 0.96 -15.66 23.07
CA GLY C 49 1.96 -14.71 23.57
C GLY C 49 1.88 -14.31 25.02
N GLY C 50 0.79 -14.68 25.68
CA GLY C 50 0.58 -14.36 27.08
C GLY C 50 -0.45 -13.27 27.28
N ILE C 51 -0.79 -13.02 28.56
CA ILE C 51 -1.81 -12.03 28.89
C ILE C 51 -1.13 -10.77 29.44
N PHE C 52 -1.29 -9.64 28.74
CA PHE C 52 -0.66 -8.36 29.07
C PHE C 52 -1.24 -7.19 28.29
N ASN C 53 -1.05 -5.96 28.81
CA ASN C 53 -1.45 -4.72 28.17
C ASN C 53 -0.20 -3.90 27.84
N ARG C 54 0.93 -4.21 28.50
CA ARG C 54 2.17 -3.46 28.32
C ARG C 54 3.38 -4.33 28.66
N TYR C 55 4.56 -3.82 28.33
CA TYR C 55 5.80 -4.51 28.61
C TYR C 55 6.61 -3.74 29.64
N ASN C 56 7.60 -4.41 30.17
CA ASN C 56 8.66 -3.76 30.93
C ASN C 56 9.84 -3.84 29.96
N ILE C 57 10.22 -2.70 29.36
CA ILE C 57 11.36 -2.70 28.43
CA ILE C 57 11.36 -2.61 28.41
C ILE C 57 12.65 -2.57 29.23
N LEU C 58 13.50 -3.59 29.11
CA LEU C 58 14.75 -3.70 29.85
C LEU C 58 15.92 -3.09 29.17
N LYS C 59 16.03 -3.27 27.87
CA LYS C 59 17.19 -2.89 27.10
C LYS C 59 16.83 -2.70 25.65
N ILE C 60 17.45 -1.74 24.98
CA ILE C 60 17.35 -1.58 23.52
C ILE C 60 18.79 -1.41 23.01
N GLN C 61 19.21 -2.32 22.12
CA GLN C 61 20.56 -2.32 21.52
C GLN C 61 20.44 -2.07 20.07
N LYS C 62 21.34 -1.24 19.53
CA LYS C 62 21.32 -0.96 18.10
C LYS C 62 22.28 -1.93 17.48
N VAL C 63 21.91 -2.54 16.34
CA VAL C 63 22.73 -3.55 15.67
C VAL C 63 23.49 -2.91 14.52
N CYS C 64 24.81 -3.08 14.55
CA CYS C 64 25.72 -2.51 13.57
C CYS C 64 26.49 -3.64 12.87
N ASN C 65 25.88 -4.22 11.82
CA ASN C 65 26.47 -5.32 11.05
C ASN C 65 26.69 -4.76 9.67
N LYS C 66 27.94 -4.36 9.37
CA LYS C 66 28.26 -3.71 8.11
C LYS C 66 27.85 -4.48 6.88
N LYS C 67 28.17 -5.78 6.85
CA LYS C 67 27.84 -6.66 5.72
C LYS C 67 26.34 -6.69 5.48
N LEU C 68 25.53 -6.85 6.55
CA LEU C 68 24.08 -6.89 6.41
C LEU C 68 23.51 -5.55 5.98
N TRP C 69 24.08 -4.47 6.51
CA TRP C 69 23.60 -3.15 6.14
C TRP C 69 23.84 -2.85 4.66
N GLU C 70 25.04 -3.18 4.15
CA GLU C 70 25.36 -2.94 2.74
C GLU C 70 24.48 -3.80 1.83
N ARG C 71 24.20 -5.05 2.22
CA ARG C 71 23.35 -5.96 1.45
C ARG C 71 21.93 -5.37 1.41
N TYR C 72 21.47 -4.84 2.57
CA TYR C 72 20.15 -4.23 2.68
C TYR C 72 20.02 -2.96 1.83
N THR C 73 20.95 -2.02 1.99
CA THR C 73 20.88 -0.75 1.24
C THR C 73 21.05 -0.99 -0.25
N HIS C 74 21.85 -2.01 -0.62
CA HIS C 74 21.98 -2.31 -2.04
C HIS C 74 20.63 -2.76 -2.60
N ARG C 75 19.92 -3.62 -1.87
CA ARG C 75 18.62 -4.06 -2.34
C ARG C 75 17.59 -2.90 -2.31
N ARG C 76 17.67 -2.03 -1.29
CA ARG C 76 16.73 -0.93 -1.10
C ARG C 76 16.78 0.02 -2.29
N LYS C 77 17.99 0.33 -2.79
CA LYS C 77 18.19 1.18 -3.96
C LYS C 77 17.52 0.57 -5.20
N GLU C 78 17.72 -0.75 -5.41
CA GLU C 78 17.16 -1.55 -6.51
C GLU C 78 15.63 -1.52 -6.51
N VAL C 79 15.03 -1.74 -5.32
CA VAL C 79 13.57 -1.76 -5.18
C VAL C 79 13.02 -0.35 -5.47
N SER C 80 13.68 0.68 -4.93
CA SER C 80 13.30 2.07 -5.09
C SER C 80 13.19 2.43 -6.58
N GLU C 81 14.16 1.98 -7.41
CA GLU C 81 14.18 2.25 -8.87
C GLU C 81 13.05 1.52 -9.62
N GLU C 82 12.56 0.38 -9.08
CA GLU C 82 11.44 -0.40 -9.65
C GLU C 82 10.09 0.04 -9.10
N ASN C 83 10.08 1.01 -8.21
CA ASN C 83 8.87 1.50 -7.58
C ASN C 83 8.83 3.01 -7.68
N HIS C 84 9.19 3.52 -8.87
CA HIS C 84 9.25 4.94 -9.19
C HIS C 84 9.88 5.78 -8.07
N ASN C 85 11.14 5.43 -7.73
CA ASN C 85 11.97 6.11 -6.75
C ASN C 85 11.56 6.15 -5.28
N HIS C 86 10.78 5.17 -4.82
CA HIS C 86 10.48 5.09 -3.39
C HIS C 86 10.58 3.64 -2.91
N ALA C 87 11.37 3.40 -1.88
CA ALA C 87 11.60 2.04 -1.40
C ALA C 87 10.45 1.57 -0.51
N ASN C 88 9.55 2.48 -0.05
CA ASN C 88 8.47 2.11 0.86
C ASN C 88 9.02 1.31 2.07
N GLU C 89 10.01 1.88 2.72
CA GLU C 89 10.63 1.31 3.91
C GLU C 89 9.79 1.59 5.16
N ARG C 90 9.63 0.57 6.00
CA ARG C 90 8.90 0.70 7.26
C ARG C 90 9.67 0.03 8.35
N MET C 91 9.50 0.53 9.59
CA MET C 91 10.09 -0.11 10.74
C MET C 91 9.03 -1.09 11.23
N LEU C 92 9.40 -2.38 11.32
CA LEU C 92 8.42 -3.40 11.71
C LEU C 92 9.02 -4.40 12.70
N PHE C 93 8.16 -5.07 13.46
CA PHE C 93 8.60 -6.07 14.44
C PHE C 93 8.77 -7.47 13.85
N HIS C 94 9.71 -8.23 14.42
CA HIS C 94 9.92 -9.63 14.05
C HIS C 94 10.22 -10.40 15.32
N GLY C 95 9.44 -11.43 15.60
CA GLY C 95 9.66 -12.32 16.74
C GLY C 95 10.22 -13.64 16.25
N SER C 96 11.21 -14.16 16.94
CA SER C 96 11.85 -15.42 16.54
C SER C 96 12.69 -15.98 17.69
N PRO C 97 12.72 -17.32 17.88
CA PRO C 97 13.69 -17.89 18.83
C PRO C 97 15.14 -17.76 18.30
N PHE C 98 15.33 -17.34 17.04
CA PHE C 98 16.65 -17.25 16.41
C PHE C 98 17.22 -15.85 16.18
N VAL C 99 16.84 -14.89 17.00
CA VAL C 99 17.33 -13.51 16.90
C VAL C 99 18.86 -13.41 16.77
N ASN C 100 19.61 -14.24 17.54
CA ASN C 100 21.06 -14.17 17.48
CA ASN C 100 21.08 -14.22 17.50
C ASN C 100 21.61 -14.58 16.12
N ALA C 101 21.02 -15.61 15.48
CA ALA C 101 21.43 -16.02 14.16
C ALA C 101 21.08 -14.91 13.13
N ILE C 102 19.91 -14.29 13.29
CA ILE C 102 19.48 -13.19 12.41
C ILE C 102 20.42 -11.98 12.49
N ILE C 103 20.78 -11.60 13.72
CA ILE C 103 21.66 -10.44 13.92
C ILE C 103 23.05 -10.63 13.28
N HIS C 104 23.55 -11.84 13.32
CA HIS C 104 24.86 -12.15 12.75
C HIS C 104 24.81 -12.47 11.27
N LYS C 105 23.85 -13.34 10.85
CA LYS C 105 23.78 -13.85 9.48
C LYS C 105 22.75 -13.20 8.59
N GLY C 106 21.79 -12.51 9.20
CA GLY C 106 20.71 -11.83 8.51
C GLY C 106 19.50 -12.69 8.30
N PHE C 107 18.44 -12.09 7.75
CA PHE C 107 17.26 -12.85 7.37
C PHE C 107 17.62 -13.68 6.15
N ASP C 108 16.99 -14.82 6.04
CA ASP C 108 17.32 -15.76 4.98
C ASP C 108 16.06 -16.45 4.49
N GLU C 109 15.65 -16.12 3.25
CA GLU C 109 14.47 -16.75 2.65
C GLU C 109 14.62 -18.29 2.44
N ARG C 110 15.87 -18.78 2.45
CA ARG C 110 16.11 -20.24 2.30
C ARG C 110 15.65 -21.03 3.51
N HIS C 111 15.32 -20.32 4.61
CA HIS C 111 14.75 -20.95 5.80
C HIS C 111 13.23 -20.75 5.82
N ALA C 112 12.66 -20.17 4.73
CA ALA C 112 11.22 -19.96 4.60
C ALA C 112 10.65 -20.98 3.65
N TYR C 113 9.55 -21.61 4.07
CA TYR C 113 8.85 -22.67 3.32
C TYR C 113 7.37 -22.34 3.03
N ILE C 114 6.82 -23.00 2.03
CA ILE C 114 5.48 -22.75 1.48
C ILE C 114 4.19 -22.73 2.37
N GLY C 115 4.20 -23.37 3.51
CA GLY C 115 3.00 -23.47 4.34
C GLY C 115 2.37 -22.25 5.03
N GLY C 116 2.97 -21.06 4.93
CA GLY C 116 2.39 -19.92 5.64
C GLY C 116 1.12 -19.37 4.99
N MET C 117 0.41 -18.47 5.70
CA MET C 117 -0.75 -17.75 5.13
C MET C 117 -0.35 -17.18 3.74
N PHE C 118 0.91 -16.66 3.62
CA PHE C 118 1.42 -16.02 2.40
C PHE C 118 2.63 -16.73 1.79
N GLY C 119 2.74 -18.02 2.10
CA GLY C 119 3.81 -18.86 1.58
C GLY C 119 5.21 -18.64 2.14
N ALA C 120 6.23 -18.84 1.27
CA ALA C 120 7.64 -18.90 1.65
C ALA C 120 8.34 -17.57 1.80
N GLY C 121 7.81 -16.78 2.72
CA GLY C 121 8.34 -15.47 3.04
C GLY C 121 8.77 -15.32 4.47
N ILE C 122 9.28 -14.11 4.77
CA ILE C 122 9.75 -13.70 6.07
C ILE C 122 8.71 -12.70 6.53
N TYR C 123 8.11 -12.97 7.70
CA TYR C 123 6.94 -12.24 8.20
C TYR C 123 7.27 -11.22 9.27
N PHE C 124 6.59 -10.05 9.18
CA PHE C 124 6.78 -8.94 10.11
C PHE C 124 5.43 -8.40 10.53
N ALA C 125 5.42 -7.75 11.68
CA ALA C 125 4.17 -7.15 12.16
C ALA C 125 4.35 -5.66 12.45
N GLU C 126 3.26 -4.87 12.33
CA GLU C 126 3.33 -3.47 12.81
C GLU C 126 2.85 -3.39 14.28
N ASN C 127 2.33 -4.50 14.83
CA ASN C 127 1.90 -4.55 16.22
C ASN C 127 2.91 -5.41 16.98
N SER C 128 3.63 -4.83 17.95
CA SER C 128 4.63 -5.59 18.68
C SER C 128 4.05 -6.88 19.31
N SER C 129 2.80 -6.82 19.82
CA SER C 129 2.19 -7.97 20.51
C SER C 129 1.89 -9.12 19.54
N LYS C 130 1.79 -8.83 18.23
CA LYS C 130 1.62 -9.92 17.27
C LYS C 130 2.97 -10.61 17.11
N SER C 131 4.07 -9.85 16.97
CA SER C 131 5.39 -10.49 16.90
C SER C 131 5.77 -11.21 18.19
N ASN C 132 5.30 -10.73 19.34
CA ASN C 132 5.54 -11.39 20.65
C ASN C 132 4.98 -12.83 20.68
N GLN C 133 3.96 -13.10 19.85
CA GLN C 133 3.35 -14.44 19.76
C GLN C 133 4.31 -15.47 19.10
N TYR C 134 5.44 -15.01 18.47
CA TYR C 134 6.39 -15.86 17.75
C TYR C 134 7.78 -15.97 18.41
N VAL C 135 7.97 -15.25 19.54
CA VAL C 135 9.25 -15.25 20.23
C VAL C 135 9.66 -16.66 20.66
N TYR C 136 8.69 -17.48 21.13
CA TYR C 136 9.00 -18.85 21.55
C TYR C 136 8.63 -19.90 20.50
N GLY C 137 8.33 -19.44 19.29
CA GLY C 137 8.00 -20.30 18.16
C GLY C 137 6.60 -20.04 17.66
N ILE C 138 6.15 -20.86 16.67
CA ILE C 138 4.79 -20.74 16.14
C ILE C 138 3.79 -21.00 17.26
N GLY C 139 2.81 -20.11 17.39
CA GLY C 139 1.79 -20.17 18.43
C GLY C 139 2.37 -20.12 19.84
N GLY C 140 3.54 -19.50 19.96
CA GLY C 140 4.28 -19.38 21.21
C GLY C 140 5.01 -20.66 21.62
N GLY C 141 5.03 -21.66 20.74
CA GLY C 141 5.66 -22.96 20.99
C GLY C 141 5.24 -23.56 22.33
N THR C 142 6.21 -23.94 23.14
CA THR C 142 5.95 -24.44 24.51
C THR C 142 6.23 -23.34 25.56
N GLY C 143 6.36 -22.10 25.12
CA GLY C 143 6.62 -20.99 26.03
C GLY C 143 8.08 -20.86 26.38
N CYS C 144 8.36 -20.14 27.46
CA CYS C 144 9.73 -19.89 27.92
C CYS C 144 10.51 -21.20 28.19
N PRO C 145 11.81 -21.29 27.83
CA PRO C 145 12.57 -22.53 28.12
C PRO C 145 12.58 -22.98 29.60
N VAL C 146 12.64 -22.05 30.57
CA VAL C 146 12.71 -22.34 32.01
C VAL C 146 11.39 -22.85 32.63
N HIS C 147 10.27 -22.13 32.43
CA HIS C 147 8.99 -22.50 33.04
C HIS C 147 7.96 -23.16 32.10
N LYS C 148 8.28 -23.30 30.79
CA LYS C 148 7.36 -23.82 29.74
C LYS C 148 6.04 -23.05 29.80
N ASP C 149 6.13 -21.71 29.91
CA ASP C 149 4.97 -20.88 30.09
C ASP C 149 4.92 -19.78 29.03
N ARG C 150 3.91 -19.85 28.14
CA ARG C 150 3.72 -18.86 27.07
C ARG C 150 3.42 -17.46 27.62
N SER C 151 2.82 -17.39 28.85
CA SER C 151 2.55 -16.15 29.57
C SER C 151 3.56 -15.82 30.69
N CYS C 152 4.79 -16.36 30.60
CA CYS C 152 5.80 -16.09 31.61
C CYS C 152 6.04 -14.58 31.76
N TYR C 153 5.98 -14.08 33.00
CA TYR C 153 6.22 -12.70 33.33
C TYR C 153 7.62 -12.54 33.90
N ILE C 154 8.33 -13.66 34.09
CA ILE C 154 9.65 -13.63 34.69
C ILE C 154 10.79 -13.61 33.68
N CYS C 155 10.78 -14.54 32.71
CA CYS C 155 11.81 -14.67 31.69
C CYS C 155 11.85 -13.48 30.74
N HIS C 156 13.08 -13.05 30.40
CA HIS C 156 13.29 -11.94 29.47
C HIS C 156 13.21 -12.43 28.05
N ARG C 157 12.41 -11.72 27.27
CA ARG C 157 12.14 -11.99 25.86
C ARG C 157 12.92 -11.02 25.04
N GLN C 158 13.09 -11.37 23.76
CA GLN C 158 13.69 -10.43 22.84
C GLN C 158 12.86 -10.33 21.58
N LEU C 159 12.74 -9.13 21.03
CA LEU C 159 12.08 -8.93 19.71
C LEU C 159 13.07 -8.12 18.88
N LEU C 160 12.93 -8.20 17.56
CA LEU C 160 13.67 -7.33 16.66
C LEU C 160 12.75 -6.23 16.10
N PHE C 161 13.27 -5.00 16.00
CA PHE C 161 12.59 -3.87 15.38
C PHE C 161 13.47 -3.56 14.16
N CYS C 162 12.94 -3.90 12.97
CA CYS C 162 13.65 -3.98 11.69
C CYS C 162 13.30 -2.94 10.67
N ARG C 163 14.28 -2.59 9.83
CA ARG C 163 14.02 -1.82 8.63
C ARG C 163 13.53 -2.87 7.60
N VAL C 164 12.36 -2.65 7.01
CA VAL C 164 11.80 -3.56 6.02
C VAL C 164 11.48 -2.77 4.76
N THR C 165 12.07 -3.18 3.62
CA THR C 165 11.76 -2.53 2.34
C THR C 165 10.57 -3.27 1.77
N LEU C 166 9.45 -2.58 1.61
CA LEU C 166 8.23 -3.17 1.08
C LEU C 166 8.04 -2.96 -0.42
N GLY C 167 8.63 -1.88 -0.96
CA GLY C 167 8.46 -1.49 -2.37
C GLY C 167 6.99 -1.38 -2.72
N LYS C 168 6.61 -1.89 -3.90
CA LYS C 168 5.22 -1.96 -4.31
C LYS C 168 4.67 -3.21 -3.61
N SER C 169 3.87 -3.01 -2.57
CA SER C 169 3.33 -4.10 -1.79
C SER C 169 1.99 -4.59 -2.28
N PHE C 170 1.85 -5.93 -2.44
CA PHE C 170 0.58 -6.55 -2.87
C PHE C 170 -0.39 -6.68 -1.68
N LEU C 171 -1.51 -5.93 -1.72
CA LEU C 171 -2.49 -5.92 -0.64
C LEU C 171 -3.41 -7.12 -0.80
N GLN C 172 -3.56 -7.89 0.27
CA GLN C 172 -4.34 -9.12 0.20
C GLN C 172 -5.02 -9.46 1.53
N PHE C 173 -6.19 -10.15 1.48
CA PHE C 173 -6.89 -10.57 2.69
C PHE C 173 -6.74 -12.03 3.01
N SER C 174 -6.88 -12.89 2.00
CA SER C 174 -6.91 -14.33 2.24
C SER C 174 -5.61 -14.98 1.89
N ALA C 175 -5.45 -16.24 2.32
CA ALA C 175 -4.24 -17.02 2.07
C ALA C 175 -3.85 -17.01 0.60
N MET C 176 -2.54 -16.86 0.37
CA MET C 176 -2.00 -16.79 -0.98
C MET C 176 -0.60 -17.35 -0.87
N LYS C 177 -0.47 -18.64 -1.17
CA LYS C 177 0.81 -19.34 -1.02
C LYS C 177 1.79 -19.05 -2.15
N MET C 178 2.57 -18.01 -1.90
CA MET C 178 3.57 -17.50 -2.81
C MET C 178 4.91 -18.18 -2.52
N ALA C 179 5.77 -18.31 -3.54
CA ALA C 179 7.15 -18.68 -3.32
C ALA C 179 7.94 -17.36 -3.35
N HIS C 180 7.50 -16.39 -4.19
CA HIS C 180 8.16 -15.10 -4.35
C HIS C 180 7.13 -13.98 -4.36
N SER C 181 7.61 -12.74 -4.40
CA SER C 181 6.66 -11.63 -4.46
C SER C 181 5.79 -11.81 -5.71
N PRO C 182 4.53 -11.38 -5.66
CA PRO C 182 3.74 -11.40 -6.91
C PRO C 182 4.44 -10.61 -8.02
N PRO C 183 4.25 -10.96 -9.31
CA PRO C 183 4.86 -10.18 -10.40
C PRO C 183 4.63 -8.68 -10.26
N GLY C 184 5.68 -7.89 -10.48
CA GLY C 184 5.64 -6.43 -10.40
C GLY C 184 5.62 -5.86 -8.99
N HIS C 185 5.65 -6.74 -7.95
CA HIS C 185 5.61 -6.31 -6.55
C HIS C 185 6.88 -6.75 -5.78
N HIS C 186 7.08 -6.21 -4.57
CA HIS C 186 8.29 -6.47 -3.77
C HIS C 186 8.01 -7.05 -2.42
N SER C 187 6.74 -7.20 -2.08
CA SER C 187 6.28 -7.71 -0.79
C SER C 187 4.78 -7.97 -0.87
N VAL C 188 4.25 -8.64 0.18
CA VAL C 188 2.83 -8.86 0.36
C VAL C 188 2.42 -8.21 1.68
N THR C 189 1.30 -7.45 1.67
CA THR C 189 0.73 -6.93 2.91
C THR C 189 -0.57 -7.68 3.15
N GLY C 190 -0.61 -8.39 4.26
CA GLY C 190 -1.83 -9.06 4.68
C GLY C 190 -2.66 -8.04 5.43
N ARG C 191 -3.84 -7.71 4.92
CA ARG C 191 -4.71 -6.74 5.56
C ARG C 191 -5.80 -7.38 6.38
N PRO C 192 -6.23 -6.70 7.48
CA PRO C 192 -7.32 -7.26 8.31
C PRO C 192 -8.66 -7.35 7.62
N SER C 193 -9.46 -8.35 7.98
CA SER C 193 -10.80 -8.51 7.46
C SER C 193 -11.59 -9.36 8.44
N VAL C 194 -12.93 -9.13 8.47
CA VAL C 194 -13.90 -9.79 9.35
C VAL C 194 -13.66 -11.30 9.40
N ASN C 195 -13.59 -11.96 8.24
CA ASN C 195 -13.35 -13.41 8.15
C ASN C 195 -11.88 -13.80 7.86
N GLY C 196 -10.94 -12.89 8.10
CA GLY C 196 -9.53 -13.17 7.85
C GLY C 196 -8.65 -12.74 9.01
N LEU C 197 -7.60 -11.96 8.70
CA LEU C 197 -6.65 -11.50 9.72
C LEU C 197 -7.22 -10.50 10.69
N ALA C 198 -6.81 -10.60 11.97
CA ALA C 198 -7.23 -9.65 12.99
C ALA C 198 -6.41 -8.38 12.79
N LEU C 199 -5.13 -8.55 12.42
CA LEU C 199 -4.15 -7.46 12.31
C LEU C 199 -3.34 -7.58 11.05
N ALA C 200 -2.71 -6.46 10.65
CA ALA C 200 -1.87 -6.56 9.45
C ALA C 200 -0.59 -7.37 9.65
N GLU C 201 -0.01 -7.81 8.53
CA GLU C 201 1.29 -8.46 8.52
C GLU C 201 1.94 -8.18 7.18
N TYR C 202 3.27 -8.25 7.16
CA TYR C 202 4.08 -7.85 6.01
C TYR C 202 5.04 -8.95 5.69
N VAL C 203 5.08 -9.32 4.41
CA VAL C 203 5.86 -10.49 4.00
C VAL C 203 6.84 -10.09 2.89
N ILE C 204 8.12 -10.44 3.07
CA ILE C 204 9.13 -10.27 2.02
C ILE C 204 9.60 -11.67 1.64
N TYR C 205 10.16 -11.79 0.43
CA TYR C 205 10.55 -13.09 -0.08
C TYR C 205 12.03 -13.14 -0.38
N ARG C 206 12.76 -12.09 0.09
CA ARG C 206 14.22 -12.00 -0.09
C ARG C 206 14.76 -11.55 1.23
N GLY C 207 15.66 -12.34 1.83
CA GLY C 207 16.27 -12.01 3.11
C GLY C 207 16.96 -10.65 3.17
N GLU C 208 17.53 -10.20 2.05
CA GLU C 208 18.23 -8.91 2.01
C GLU C 208 17.33 -7.68 2.07
N GLN C 209 15.99 -7.88 2.03
CA GLN C 209 15.02 -6.78 2.06
C GLN C 209 14.64 -6.36 3.50
N ALA C 210 15.34 -6.91 4.50
CA ALA C 210 15.13 -6.46 5.87
C ALA C 210 16.47 -6.34 6.59
N TYR C 211 16.55 -5.44 7.57
CA TYR C 211 17.78 -5.23 8.35
C TYR C 211 17.37 -5.26 9.84
N PRO C 212 18.00 -6.11 10.67
CA PRO C 212 17.60 -6.21 12.10
C PRO C 212 18.27 -5.07 12.89
N GLU C 213 17.69 -3.87 12.83
CA GLU C 213 18.28 -2.68 13.42
C GLU C 213 18.32 -2.61 14.95
N TYR C 214 17.23 -2.98 15.62
CA TYR C 214 17.17 -2.91 17.07
C TYR C 214 16.82 -4.24 17.68
N LEU C 215 17.53 -4.58 18.76
CA LEU C 215 17.24 -5.77 19.56
C LEU C 215 16.65 -5.26 20.86
N ILE C 216 15.39 -5.62 21.10
CA ILE C 216 14.65 -5.15 22.29
C ILE C 216 14.55 -6.28 23.29
N THR C 217 15.07 -6.08 24.50
CA THR C 217 14.94 -7.04 25.59
C THR C 217 13.84 -6.52 26.53
N TYR C 218 12.85 -7.38 26.84
CA TYR C 218 11.68 -6.93 27.59
C TYR C 218 10.99 -8.09 28.30
N GLN C 219 10.03 -7.75 29.17
CA GLN C 219 9.13 -8.73 29.74
C GLN C 219 7.73 -8.30 29.43
N ILE C 220 6.80 -9.26 29.33
CA ILE C 220 5.39 -8.85 29.28
C ILE C 220 5.02 -8.60 30.76
N MET C 221 4.11 -7.64 30.99
CA MET C 221 3.70 -7.33 32.37
C MET C 221 2.34 -7.86 32.70
N ARG C 222 2.17 -8.34 33.93
CA ARG C 222 0.87 -8.81 34.41
C ARG C 222 -0.11 -7.62 34.44
N PRO C 223 -1.32 -7.73 33.84
CA PRO C 223 -2.27 -6.59 33.88
C PRO C 223 -2.59 -6.13 35.29
N PHE D 28 5.82 10.49 -23.95
CA PHE D 28 4.50 10.31 -24.55
C PHE D 28 4.29 8.90 -25.10
N GLN D 29 5.35 8.26 -25.67
CA GLN D 29 5.26 6.87 -26.15
C GLN D 29 4.94 5.96 -24.95
N SER D 30 5.47 6.30 -23.76
CA SER D 30 5.23 5.61 -22.49
C SER D 30 3.74 5.66 -22.10
N VAL D 31 3.09 6.84 -22.28
CA VAL D 31 1.66 7.03 -22.00
C VAL D 31 0.84 6.23 -23.03
N GLU D 32 1.24 6.29 -24.31
CA GLU D 32 0.59 5.56 -25.40
C GLU D 32 0.59 4.07 -25.11
N GLU D 33 1.77 3.53 -24.71
CA GLU D 33 1.97 2.13 -24.34
CA GLU D 33 1.91 2.12 -24.39
C GLU D 33 1.08 1.75 -23.17
N GLU D 34 1.05 2.62 -22.12
CA GLU D 34 0.25 2.36 -20.92
C GLU D 34 -1.25 2.30 -21.27
N MET D 35 -1.70 3.20 -22.13
CA MET D 35 -3.07 3.26 -22.65
C MET D 35 -3.42 1.95 -23.37
N GLN D 36 -2.58 1.54 -24.35
CA GLN D 36 -2.83 0.31 -25.10
C GLN D 36 -2.68 -0.99 -24.32
N SER D 37 -1.58 -1.15 -23.59
CA SER D 37 -1.24 -2.38 -22.88
C SER D 37 -2.17 -2.74 -21.73
N THR D 38 -2.86 -1.73 -21.15
CA THR D 38 -3.74 -1.97 -20.00
C THR D 38 -5.18 -2.29 -20.33
N VAL D 39 -5.52 -2.42 -21.63
CA VAL D 39 -6.87 -2.80 -22.08
C VAL D 39 -7.13 -4.23 -21.58
N ARG D 40 -8.35 -4.46 -21.09
CA ARG D 40 -8.76 -5.78 -20.59
C ARG D 40 -10.16 -6.07 -21.08
N GLU D 41 -10.58 -7.35 -21.01
CA GLU D 41 -11.93 -7.75 -21.37
C GLU D 41 -12.80 -7.46 -20.14
N HIS D 42 -13.91 -6.74 -20.33
CA HIS D 42 -14.75 -6.37 -19.20
C HIS D 42 -15.95 -7.29 -18.97
N ARG D 43 -16.29 -7.51 -17.69
CA ARG D 43 -17.39 -8.37 -17.21
C ARG D 43 -18.74 -8.09 -17.90
N ASP D 44 -18.99 -6.82 -18.25
CA ASP D 44 -20.24 -6.39 -18.90
C ASP D 44 -20.29 -6.66 -20.42
N GLY D 45 -19.23 -7.28 -20.95
CA GLY D 45 -19.12 -7.62 -22.36
C GLY D 45 -19.04 -6.41 -23.29
N GLY D 46 -18.61 -5.26 -22.74
CA GLY D 46 -18.47 -4.01 -23.48
C GLY D 46 -19.67 -3.08 -23.38
N HIS D 47 -20.62 -3.35 -22.46
CA HIS D 47 -21.84 -2.54 -22.31
C HIS D 47 -21.58 -1.06 -21.99
N ALA D 48 -20.74 -0.80 -20.99
CA ALA D 48 -20.48 0.58 -20.58
C ALA D 48 -19.53 1.31 -21.54
N GLY D 49 -18.42 0.66 -21.93
CA GLY D 49 -17.35 1.29 -22.70
C GLY D 49 -17.23 0.97 -24.18
N GLY D 50 -17.96 -0.04 -24.62
CA GLY D 50 -17.93 -0.47 -26.01
C GLY D 50 -17.08 -1.68 -26.26
N ILE D 51 -17.16 -2.23 -27.48
CA ILE D 51 -16.44 -3.45 -27.87
C ILE D 51 -15.20 -3.04 -28.63
N PHE D 52 -14.02 -3.39 -28.10
CA PHE D 52 -12.72 -3.06 -28.70
C PHE D 52 -11.61 -3.84 -27.99
N ASN D 53 -10.49 -4.03 -28.69
CA ASN D 53 -9.29 -4.66 -28.16
C ASN D 53 -8.19 -3.59 -28.13
N ARG D 54 -8.37 -2.51 -28.91
CA ARG D 54 -7.36 -1.46 -28.99
C ARG D 54 -7.95 -0.08 -29.29
N TYR D 55 -7.10 0.94 -29.18
CA TYR D 55 -7.54 2.27 -29.53
C TYR D 55 -6.82 2.81 -30.74
N ASN D 56 -7.39 3.87 -31.34
CA ASN D 56 -6.75 4.68 -32.35
C ASN D 56 -6.35 5.92 -31.53
N ILE D 57 -5.07 6.03 -31.11
CA ILE D 57 -4.65 7.18 -30.29
C ILE D 57 -4.34 8.38 -31.20
N LEU D 58 -5.09 9.47 -31.05
CA LEU D 58 -4.94 10.64 -31.91
C LEU D 58 -4.02 11.72 -31.42
N LYS D 59 -4.02 11.96 -30.12
CA LYS D 59 -3.23 13.03 -29.54
C LYS D 59 -2.99 12.75 -28.07
N ILE D 60 -1.79 13.09 -27.57
CA ILE D 60 -1.47 13.00 -26.14
C ILE D 60 -0.87 14.35 -25.82
N GLN D 61 -1.44 15.05 -24.83
CA GLN D 61 -1.02 16.39 -24.44
C GLN D 61 -0.69 16.42 -22.96
N LYS D 62 0.44 17.04 -22.60
CA LYS D 62 0.82 17.19 -21.20
C LYS D 62 0.11 18.43 -20.65
N VAL D 63 -0.50 18.29 -19.47
CA VAL D 63 -1.23 19.40 -18.84
C VAL D 63 -0.27 20.06 -17.87
N CYS D 64 -0.07 21.38 -18.06
CA CYS D 64 0.81 22.17 -17.20
CA CYS D 64 0.79 22.16 -17.17
C CYS D 64 -0.07 23.23 -16.53
N ASN D 65 -0.47 22.98 -15.29
CA ASN D 65 -1.30 23.88 -14.53
C ASN D 65 -0.57 24.06 -13.20
N LYS D 66 0.22 25.13 -13.12
CA LYS D 66 1.05 25.47 -11.97
C LYS D 66 0.27 25.51 -10.66
N LYS D 67 -0.90 26.16 -10.65
CA LYS D 67 -1.73 26.28 -9.46
C LYS D 67 -2.23 24.90 -8.98
N LEU D 68 -2.71 24.08 -9.92
CA LEU D 68 -3.18 22.73 -9.57
C LEU D 68 -2.03 21.85 -9.10
N TRP D 69 -0.86 21.97 -9.74
CA TRP D 69 0.33 21.20 -9.33
C TRP D 69 0.72 21.53 -7.87
N GLU D 70 0.75 22.83 -7.51
CA GLU D 70 1.07 23.26 -6.15
C GLU D 70 0.07 22.71 -5.14
N ARG D 71 -1.20 22.72 -5.49
CA ARG D 71 -2.28 22.21 -4.63
C ARG D 71 -2.01 20.71 -4.40
N TYR D 72 -1.65 19.99 -5.48
CA TYR D 72 -1.37 18.57 -5.44
C TYR D 72 -0.13 18.26 -4.59
N THR D 73 1.01 18.97 -4.83
CA THR D 73 2.25 18.68 -4.08
C THR D 73 2.16 19.06 -2.63
N HIS D 74 1.36 20.08 -2.29
CA HIS D 74 1.20 20.47 -0.89
C HIS D 74 0.54 19.34 -0.13
N ARG D 75 -0.54 18.78 -0.71
CA ARG D 75 -1.27 17.69 -0.11
C ARG D 75 -0.41 16.41 -0.08
N ARG D 76 0.30 16.16 -1.17
CA ARG D 76 1.18 14.98 -1.28
C ARG D 76 2.20 14.95 -0.14
N LYS D 77 2.80 16.13 0.20
CA LYS D 77 3.78 16.24 1.28
C LYS D 77 3.12 15.89 2.64
N GLU D 78 1.91 16.39 2.88
CA GLU D 78 1.13 16.15 4.09
C GLU D 78 0.77 14.66 4.22
N VAL D 79 0.32 14.02 3.12
CA VAL D 79 0.00 12.59 3.16
C VAL D 79 1.30 11.79 3.46
N SER D 80 2.39 12.12 2.75
CA SER D 80 3.68 11.46 2.93
C SER D 80 4.14 11.53 4.40
N GLU D 81 4.08 12.72 5.01
CA GLU D 81 4.49 12.91 6.41
C GLU D 81 3.65 12.08 7.38
N GLU D 82 2.38 11.84 7.04
CA GLU D 82 1.46 11.03 7.84
C GLU D 82 1.62 9.54 7.57
N ASN D 83 2.30 9.17 6.47
CA ASN D 83 2.43 7.79 6.02
C ASN D 83 3.87 7.36 5.94
N HIS D 84 4.59 7.54 7.07
CA HIS D 84 6.01 7.20 7.19
C HIS D 84 6.89 7.64 6.00
N ASN D 85 6.65 8.88 5.52
CA ASN D 85 7.37 9.49 4.40
C ASN D 85 7.17 8.77 3.07
N HIS D 86 6.00 8.11 2.91
CA HIS D 86 5.60 7.42 1.69
C HIS D 86 4.26 7.94 1.11
N ALA D 87 4.36 8.72 0.03
CA ALA D 87 3.15 9.28 -0.61
C ALA D 87 2.33 8.20 -1.28
N ASN D 88 2.98 7.09 -1.74
CA ASN D 88 2.29 6.03 -2.48
C ASN D 88 1.61 6.62 -3.71
N GLU D 89 2.40 7.34 -4.50
CA GLU D 89 1.92 8.01 -5.70
C GLU D 89 1.87 7.00 -6.85
N ARG D 90 0.80 7.08 -7.65
CA ARG D 90 0.59 6.21 -8.81
CA ARG D 90 0.62 6.22 -8.82
C ARG D 90 0.17 7.05 -10.01
N MET D 91 0.43 6.53 -11.22
CA MET D 91 -0.03 7.17 -12.46
C MET D 91 -1.25 6.30 -12.78
N LEU D 92 -2.47 6.91 -12.82
CA LEU D 92 -3.72 6.18 -13.01
C LEU D 92 -4.66 6.92 -13.96
N PHE D 93 -5.50 6.16 -14.67
CA PHE D 93 -6.44 6.76 -15.61
C PHE D 93 -7.70 7.26 -14.94
N HIS D 94 -8.36 8.22 -15.57
CA HIS D 94 -9.63 8.76 -15.11
C HIS D 94 -10.47 9.10 -16.32
N GLY D 95 -11.70 8.61 -16.29
CA GLY D 95 -12.71 8.87 -17.29
C GLY D 95 -13.78 9.78 -16.71
N SER D 96 -14.16 10.80 -17.48
CA SER D 96 -15.17 11.76 -17.05
C SER D 96 -15.72 12.57 -18.20
N PRO D 97 -17.02 12.94 -18.18
CA PRO D 97 -17.52 13.88 -19.19
C PRO D 97 -17.03 15.33 -18.92
N PHE D 98 -16.35 15.57 -17.77
CA PHE D 98 -15.90 16.90 -17.35
C PHE D 98 -14.40 17.15 -17.38
N VAL D 99 -13.71 16.47 -18.26
CA VAL D 99 -12.27 16.56 -18.46
C VAL D 99 -11.79 18.02 -18.59
N ASN D 100 -12.49 18.86 -19.39
CA ASN D 100 -12.12 20.28 -19.57
CA ASN D 100 -12.06 20.25 -19.53
C ASN D 100 -12.15 21.03 -18.24
N ALA D 101 -13.18 20.80 -17.42
CA ALA D 101 -13.34 21.45 -16.10
C ALA D 101 -12.26 20.96 -15.13
N ILE D 102 -11.86 19.68 -15.23
CA ILE D 102 -10.80 19.10 -14.37
C ILE D 102 -9.45 19.72 -14.68
N ILE D 103 -9.13 19.85 -15.97
CA ILE D 103 -7.82 20.39 -16.37
C ILE D 103 -7.64 21.83 -15.88
N HIS D 104 -8.73 22.60 -15.84
CA HIS D 104 -8.65 24.01 -15.45
C HIS D 104 -8.87 24.26 -13.95
N LYS D 105 -9.80 23.53 -13.34
CA LYS D 105 -10.19 23.72 -11.93
C LYS D 105 -9.72 22.64 -10.97
N GLY D 106 -9.27 21.50 -11.50
CA GLY D 106 -8.82 20.38 -10.69
C GLY D 106 -9.97 19.45 -10.32
N PHE D 107 -9.66 18.36 -9.62
CA PHE D 107 -10.66 17.44 -9.11
C PHE D 107 -11.32 18.06 -7.89
N ASP D 108 -12.60 17.79 -7.70
CA ASP D 108 -13.33 18.40 -6.61
C ASP D 108 -14.28 17.38 -6.03
N GLU D 109 -13.99 16.93 -4.81
CA GLU D 109 -14.81 15.94 -4.12
C GLU D 109 -16.21 16.47 -3.86
N ARG D 110 -16.41 17.81 -3.87
CA ARG D 110 -17.77 18.35 -3.65
C ARG D 110 -18.71 17.93 -4.81
N HIS D 111 -18.15 17.49 -5.97
CA HIS D 111 -18.98 16.97 -7.05
C HIS D 111 -19.28 15.47 -6.94
N ALA D 112 -18.73 14.81 -5.89
CA ALA D 112 -18.89 13.39 -5.57
C ALA D 112 -19.90 13.24 -4.42
N TYR D 113 -20.91 12.40 -4.63
CA TYR D 113 -22.01 12.14 -3.70
C TYR D 113 -22.14 10.70 -3.29
N ILE D 114 -22.75 10.46 -2.11
CA ILE D 114 -23.01 9.11 -1.62
C ILE D 114 -24.26 8.52 -2.34
N GLY D 115 -24.05 7.64 -3.34
CA GLY D 115 -22.71 7.18 -3.71
C GLY D 115 -22.56 6.15 -4.80
N GLY D 116 -21.32 6.05 -5.29
CA GLY D 116 -20.87 5.05 -6.24
C GLY D 116 -20.48 3.82 -5.44
N MET D 117 -19.95 2.77 -6.11
CA MET D 117 -19.52 1.50 -5.47
C MET D 117 -18.79 1.68 -4.10
N PHE D 118 -17.89 2.69 -4.01
CA PHE D 118 -17.13 2.99 -2.80
C PHE D 118 -17.49 4.35 -2.14
N GLY D 119 -18.63 4.92 -2.53
CA GLY D 119 -19.17 6.16 -1.99
C GLY D 119 -18.80 7.47 -2.69
N ALA D 120 -18.77 8.56 -1.92
CA ALA D 120 -18.53 9.92 -2.40
C ALA D 120 -17.05 10.23 -2.69
N GLY D 121 -16.47 9.43 -3.57
CA GLY D 121 -15.09 9.65 -3.92
C GLY D 121 -14.86 9.91 -5.40
N ILE D 122 -13.58 10.09 -5.75
CA ILE D 122 -13.14 10.30 -7.13
C ILE D 122 -12.40 9.03 -7.49
N TYR D 123 -12.79 8.44 -8.62
CA TYR D 123 -12.33 7.12 -9.05
C TYR D 123 -11.30 7.10 -10.16
N PHE D 124 -10.30 6.24 -9.99
CA PHE D 124 -9.19 6.07 -10.92
C PHE D 124 -8.96 4.59 -11.17
N ALA D 125 -8.25 4.28 -12.26
CA ALA D 125 -8.02 2.88 -12.65
C ALA D 125 -6.64 2.68 -13.20
N GLU D 126 -6.08 1.46 -13.02
CA GLU D 126 -4.80 1.17 -13.63
C GLU D 126 -5.00 0.65 -15.07
N ASN D 127 -6.22 0.26 -15.42
CA ASN D 127 -6.60 -0.21 -16.76
C ASN D 127 -7.35 0.91 -17.51
N SER D 128 -6.75 1.40 -18.61
CA SER D 128 -7.36 2.44 -19.43
C SER D 128 -8.78 2.06 -19.82
N SER D 129 -9.04 0.76 -20.14
CA SER D 129 -10.38 0.36 -20.52
C SER D 129 -11.42 0.46 -19.39
N LYS D 130 -10.98 0.36 -18.13
CA LYS D 130 -11.89 0.57 -17.03
C LYS D 130 -12.32 2.05 -17.01
N SER D 131 -11.36 3.00 -17.14
CA SER D 131 -11.69 4.44 -17.13
C SER D 131 -12.50 4.82 -18.34
N ASN D 132 -12.28 4.10 -19.47
CA ASN D 132 -13.07 4.31 -20.68
C ASN D 132 -14.56 4.05 -20.44
N GLN D 133 -14.91 3.18 -19.46
CA GLN D 133 -16.33 2.96 -19.14
C GLN D 133 -16.98 4.20 -18.51
N TYR D 134 -16.17 5.19 -18.09
CA TYR D 134 -16.71 6.39 -17.42
C TYR D 134 -16.61 7.72 -18.18
N VAL D 135 -16.09 7.67 -19.41
CA VAL D 135 -15.95 8.86 -20.26
C VAL D 135 -17.26 9.58 -20.53
N TYR D 136 -18.35 8.81 -20.77
CA TYR D 136 -19.64 9.38 -21.10
C TYR D 136 -20.62 9.38 -19.91
N GLY D 137 -20.11 9.04 -18.74
CA GLY D 137 -20.91 9.00 -17.51
C GLY D 137 -20.82 7.65 -16.82
N ILE D 138 -21.61 7.47 -15.73
CA ILE D 138 -21.66 6.22 -14.97
C ILE D 138 -22.19 5.11 -15.87
N GLY D 139 -21.45 4.01 -15.95
CA GLY D 139 -21.78 2.87 -16.81
C GLY D 139 -21.86 3.28 -18.28
N GLY D 140 -21.07 4.29 -18.63
CA GLY D 140 -21.03 4.87 -19.97
C GLY D 140 -22.17 5.81 -20.29
N GLY D 141 -23.01 6.14 -19.30
CA GLY D 141 -24.14 7.03 -19.49
C GLY D 141 -25.01 6.61 -20.65
N THR D 142 -25.32 7.56 -21.56
CA THR D 142 -26.07 7.27 -22.79
C THR D 142 -25.12 7.21 -24.00
N GLY D 143 -23.82 7.11 -23.74
CA GLY D 143 -22.81 7.07 -24.80
C GLY D 143 -22.55 8.46 -25.37
N CYS D 144 -21.93 8.51 -26.55
CA CYS D 144 -21.56 9.77 -27.20
C CYS D 144 -22.73 10.76 -27.40
N PRO D 145 -22.50 12.08 -27.23
CA PRO D 145 -23.58 13.05 -27.48
C PRO D 145 -24.22 13.00 -28.88
N VAL D 146 -23.41 12.79 -29.95
CA VAL D 146 -23.89 12.78 -31.34
C VAL D 146 -24.79 11.58 -31.70
N HIS D 147 -24.31 10.33 -31.45
CA HIS D 147 -25.03 9.12 -31.84
C HIS D 147 -25.67 8.31 -30.70
N LYS D 148 -25.52 8.75 -29.43
CA LYS D 148 -26.05 8.03 -28.25
C LYS D 148 -25.60 6.56 -28.23
N ASP D 149 -24.32 6.32 -28.56
CA ASP D 149 -23.75 4.99 -28.68
C ASP D 149 -22.53 4.81 -27.75
N ARG D 150 -22.64 3.89 -26.76
CA ARG D 150 -21.55 3.60 -25.83
C ARG D 150 -20.36 2.93 -26.53
N SER D 151 -20.61 2.31 -27.70
CA SER D 151 -19.58 1.68 -28.51
C SER D 151 -19.27 2.52 -29.76
N CYS D 152 -19.48 3.85 -29.72
CA CYS D 152 -19.21 4.70 -30.88
C CYS D 152 -17.77 4.61 -31.31
N TYR D 153 -17.55 4.38 -32.60
CA TYR D 153 -16.23 4.27 -33.20
C TYR D 153 -15.87 5.54 -33.94
N ILE D 154 -16.83 6.44 -34.08
CA ILE D 154 -16.69 7.65 -34.84
C ILE D 154 -16.19 8.79 -33.97
N CYS D 155 -16.92 9.08 -32.90
CA CYS D 155 -16.63 10.17 -31.99
C CYS D 155 -15.35 9.98 -31.24
N HIS D 156 -14.62 11.08 -31.15
CA HIS D 156 -13.33 11.10 -30.50
C HIS D 156 -13.56 11.30 -28.99
N ARG D 157 -12.97 10.40 -28.20
CA ARG D 157 -13.09 10.39 -26.74
C ARG D 157 -11.86 11.00 -26.12
N GLN D 158 -11.97 11.34 -24.83
CA GLN D 158 -10.81 11.84 -24.12
C GLN D 158 -10.75 11.19 -22.75
N LEU D 159 -9.56 10.78 -22.31
CA LEU D 159 -9.32 10.19 -20.98
C LEU D 159 -8.22 11.05 -20.34
N LEU D 160 -8.10 11.02 -19.00
CA LEU D 160 -6.96 11.66 -18.33
C LEU D 160 -6.07 10.58 -17.75
N PHE D 161 -4.76 10.81 -17.78
CA PHE D 161 -3.76 9.95 -17.15
C PHE D 161 -3.16 10.87 -16.06
N CYS D 162 -3.45 10.49 -14.80
CA CYS D 162 -3.28 11.33 -13.61
C CYS D 162 -2.23 10.89 -12.63
N ARG D 163 -1.62 11.87 -11.92
CA ARG D 163 -0.73 11.60 -10.79
C ARG D 163 -1.66 11.51 -9.57
N VAL D 164 -1.68 10.38 -8.84
CA VAL D 164 -2.61 10.23 -7.71
C VAL D 164 -1.84 9.84 -6.47
N THR D 165 -2.11 10.54 -5.35
CA THR D 165 -1.53 10.22 -4.04
C THR D 165 -2.48 9.29 -3.31
N LEU D 166 -2.04 8.05 -3.02
CA LEU D 166 -2.89 7.07 -2.34
C LEU D 166 -2.64 6.99 -0.85
N GLY D 167 -1.44 7.39 -0.42
CA GLY D 167 -1.02 7.27 0.97
C GLY D 167 -1.25 5.85 1.48
N LYS D 168 -1.76 5.71 2.71
CA LYS D 168 -2.14 4.38 3.24
C LYS D 168 -3.51 4.07 2.64
N SER D 169 -3.56 3.10 1.71
CA SER D 169 -4.75 2.78 0.97
C SER D 169 -5.51 1.64 1.57
N PHE D 170 -6.75 1.91 1.95
CA PHE D 170 -7.60 0.88 2.58
C PHE D 170 -8.06 -0.13 1.55
N LEU D 171 -7.91 -1.43 1.86
CA LEU D 171 -8.36 -2.47 0.91
C LEU D 171 -9.81 -2.79 1.11
N GLN D 172 -10.58 -2.76 0.01
CA GLN D 172 -12.02 -3.04 0.04
C GLN D 172 -12.44 -3.94 -1.15
N PHE D 173 -13.29 -4.95 -0.90
CA PHE D 173 -13.79 -5.81 -2.00
C PHE D 173 -15.28 -5.62 -2.24
N SER D 174 -16.06 -5.49 -1.15
CA SER D 174 -17.51 -5.32 -1.21
C SER D 174 -17.91 -3.84 -1.18
N ALA D 175 -19.12 -3.52 -1.70
CA ALA D 175 -19.70 -2.19 -1.77
C ALA D 175 -19.82 -1.52 -0.40
N MET D 176 -18.99 -0.49 -0.16
CA MET D 176 -19.00 0.27 1.08
C MET D 176 -19.08 1.73 0.71
N LYS D 177 -20.28 2.32 0.83
CA LYS D 177 -20.51 3.73 0.52
C LYS D 177 -19.95 4.61 1.63
N MET D 178 -18.71 5.02 1.45
CA MET D 178 -17.99 5.86 2.42
C MET D 178 -18.07 7.33 2.02
N ALA D 179 -18.05 8.24 3.00
CA ALA D 179 -18.01 9.66 2.72
C ALA D 179 -16.57 10.13 2.61
N HIS D 180 -15.66 9.56 3.43
CA HIS D 180 -14.25 9.96 3.51
C HIS D 180 -13.37 8.70 3.55
N SER D 181 -12.04 8.88 3.44
CA SER D 181 -11.17 7.70 3.61
C SER D 181 -11.45 7.12 5.01
N PRO D 182 -11.30 5.80 5.20
CA PRO D 182 -11.43 5.25 6.56
C PRO D 182 -10.38 5.88 7.49
N PRO D 183 -10.64 5.92 8.82
CA PRO D 183 -9.65 6.48 9.75
C PRO D 183 -8.24 5.93 9.54
N GLY D 184 -7.26 6.83 9.59
CA GLY D 184 -5.84 6.54 9.39
C GLY D 184 -5.45 6.19 7.96
N HIS D 185 -6.38 6.35 7.01
CA HIS D 185 -6.13 6.02 5.59
C HIS D 185 -6.29 7.25 4.72
N HIS D 186 -5.78 7.18 3.47
CA HIS D 186 -5.80 8.34 2.55
C HIS D 186 -6.50 8.05 1.22
N SER D 187 -6.89 6.78 1.03
CA SER D 187 -7.57 6.34 -0.19
C SER D 187 -8.17 4.95 0.04
N VAL D 188 -8.85 4.44 -1.00
CA VAL D 188 -9.43 3.08 -0.99
C VAL D 188 -8.95 2.36 -2.24
N THR D 189 -8.44 1.09 -2.08
CA THR D 189 -8.07 0.21 -3.20
C THR D 189 -9.22 -0.81 -3.29
N GLY D 190 -9.99 -0.75 -4.37
CA GLY D 190 -11.13 -1.61 -4.59
C GLY D 190 -10.79 -2.69 -5.59
N ARG D 191 -11.21 -3.94 -5.29
CA ARG D 191 -10.98 -5.09 -6.18
C ARG D 191 -12.16 -6.05 -6.22
N ALA D 200 -8.30 -3.52 -10.61
CA ALA D 200 -8.15 -2.69 -9.40
C ALA D 200 -8.48 -1.25 -9.71
N GLU D 201 -9.39 -0.68 -8.89
CA GLU D 201 -9.80 0.72 -8.93
C GLU D 201 -9.35 1.41 -7.65
N TYR D 202 -9.13 2.72 -7.74
CA TYR D 202 -8.61 3.50 -6.64
C TYR D 202 -9.51 4.69 -6.42
N VAL D 203 -9.78 5.00 -5.14
CA VAL D 203 -10.74 6.07 -4.80
C VAL D 203 -10.09 7.03 -3.82
N ILE D 204 -10.15 8.32 -4.15
CA ILE D 204 -9.71 9.38 -3.24
C ILE D 204 -10.94 10.16 -2.81
N TYR D 205 -10.84 10.85 -1.66
CA TYR D 205 -11.98 11.55 -1.09
C TYR D 205 -11.71 13.03 -0.90
N ARG D 206 -10.54 13.45 -1.43
CA ARG D 206 -10.03 14.82 -1.41
C ARG D 206 -9.54 15.11 -2.82
N GLY D 207 -10.11 16.14 -3.46
CA GLY D 207 -9.72 16.50 -4.83
C GLY D 207 -8.25 16.83 -5.02
N GLU D 208 -7.59 17.39 -3.97
CA GLU D 208 -6.21 17.81 -4.06
C GLU D 208 -5.24 16.63 -4.11
N GLN D 209 -5.74 15.40 -3.95
CA GLN D 209 -4.90 14.20 -4.01
C GLN D 209 -4.71 13.66 -5.42
N ALA D 210 -5.13 14.43 -6.46
CA ALA D 210 -4.83 13.99 -7.82
C ALA D 210 -4.52 15.21 -8.70
N TYR D 211 -3.68 14.99 -9.71
CA TYR D 211 -3.27 16.02 -10.67
C TYR D 211 -3.51 15.44 -12.09
N PRO D 212 -4.32 16.12 -12.94
CA PRO D 212 -4.57 15.61 -14.31
C PRO D 212 -3.38 15.94 -15.24
N GLU D 213 -2.39 15.05 -15.32
CA GLU D 213 -1.13 15.25 -16.04
C GLU D 213 -1.18 15.12 -17.58
N TYR D 214 -1.95 14.15 -18.09
CA TYR D 214 -2.04 13.92 -19.54
C TYR D 214 -3.46 13.85 -19.97
N LEU D 215 -3.75 14.49 -21.10
CA LEU D 215 -5.05 14.45 -21.76
C LEU D 215 -4.83 13.65 -23.05
N ILE D 216 -5.54 12.51 -23.16
CA ILE D 216 -5.40 11.58 -24.30
C ILE D 216 -6.64 11.66 -25.15
N THR D 217 -6.48 11.88 -26.46
CA THR D 217 -7.62 11.96 -27.39
C THR D 217 -7.54 10.70 -28.25
N TYR D 218 -8.64 9.97 -28.32
CA TYR D 218 -8.55 8.66 -28.95
C TYR D 218 -9.92 8.21 -29.40
N GLN D 219 -9.95 7.07 -30.13
CA GLN D 219 -11.17 6.35 -30.47
C GLN D 219 -10.96 4.92 -30.08
N ILE D 220 -12.04 4.24 -29.68
CA ILE D 220 -12.00 2.79 -29.49
C ILE D 220 -12.12 2.27 -30.95
N MET D 221 -11.46 1.16 -31.27
CA MET D 221 -11.50 0.62 -32.64
C MET D 221 -12.35 -0.65 -32.71
N ARG D 222 -13.15 -0.79 -33.79
CA ARG D 222 -13.97 -1.98 -34.01
C ARG D 222 -13.02 -3.17 -34.15
N PRO D 223 -13.21 -4.27 -33.37
CA PRO D 223 -12.25 -5.40 -33.44
C PRO D 223 -12.22 -6.12 -34.79
ZN ZN E . 5.38 -21.73 -37.93
C1 CNQ F . 15.68 -27.12 -18.67
C2 CNQ F . 14.58 -27.59 -17.92
C3 CNQ F . 13.40 -26.76 -17.82
C4 CNQ F . 13.29 -25.53 -18.55
C5 CNQ F . 14.44 -25.11 -19.37
C6 CNQ F . 15.57 -25.94 -19.49
N7 CNQ F . 12.35 -27.17 -17.00
C8 CNQ F . 11.29 -26.37 -16.87
C9 CNQ F . 11.17 -25.10 -17.57
N10 CNQ F . 12.14 -24.70 -18.41
C11 CNQ F . 14.39 -23.84 -20.21
N12 CNQ F . 13.39 -22.95 -19.98
O13 CNQ F . 15.18 -23.65 -21.11
C14 CNQ F . 10.01 -24.21 -17.32
C15 CNQ F . 9.57 -23.30 -18.31
C16 CNQ F . 8.52 -22.42 -18.08
C17 CNQ F . 7.88 -22.43 -16.83
C18 CNQ F . 8.29 -23.29 -15.78
C19 CNQ F . 9.38 -24.16 -16.02
CL24 CNQ F . 6.59 -21.35 -16.57
ZN ZN G . -20.14 11.78 37.90
C1 CNQ H . -23.76 21.10 17.52
C2 CNQ H . -24.50 20.05 16.96
C3 CNQ H . -23.95 18.72 16.96
C4 CNQ H . -22.75 18.41 17.68
C5 CNQ H . -22.06 19.53 18.35
C6 CNQ H . -22.58 20.83 18.29
N7 CNQ H . -24.64 17.71 16.24
C8 CNQ H . -24.11 16.51 16.21
C9 CNQ H . -22.87 16.17 16.87
N10 CNQ H . -22.21 17.10 17.60
C11 CNQ H . -20.84 19.33 19.20
N12 CNQ H . -20.20 18.15 19.10
O13 CNQ H . -20.46 20.19 19.98
C14 CNQ H . -22.30 14.78 16.76
C15 CNQ H . -21.43 14.31 17.76
C16 CNQ H . -20.82 13.04 17.67
C17 CNQ H . -21.03 12.26 16.54
C18 CNQ H . -21.85 12.70 15.49
C19 CNQ H . -22.47 13.97 15.59
CL24 CNQ H . -20.29 10.67 16.49
ZN ZN I . 9.75 -18.33 32.31
C1 CNQ J . 3.52 -11.41 11.78
C2 CNQ J . 2.98 -12.57 11.19
C3 CNQ J . 3.76 -13.78 11.24
C4 CNQ J . 5.03 -13.86 11.94
C5 CNQ J . 5.53 -12.63 12.55
C6 CNQ J . 4.76 -11.48 12.52
N7 CNQ J . 3.24 -14.94 10.61
C8 CNQ J . 4.02 -16.03 10.58
C9 CNQ J . 5.32 -16.09 11.25
N10 CNQ J . 5.78 -15.06 11.97
C11 CNQ J . 6.82 -12.58 13.34
N12 CNQ J . 7.68 -13.63 13.25
O13 CNQ J . 7.06 -11.66 14.10
C14 CNQ J . 6.17 -17.34 11.14
C15 CNQ J . 7.04 -17.68 12.19
C16 CNQ J . 7.87 -18.84 12.09
C17 CNQ J . 7.86 -19.59 10.91
C18 CNQ J . 7.05 -19.23 9.81
C19 CNQ J . 6.22 -18.10 9.92
CL24 CNQ J . 8.87 -21.00 10.83
ZN ZN K . -20.65 8.98 -31.77
C1 CNQ L . -12.59 2.89 -12.07
C2 CNQ L . -13.77 2.67 -11.37
C3 CNQ L . -14.81 3.66 -11.40
C4 CNQ L . -14.63 4.91 -12.14
C5 CNQ L . -13.36 5.09 -12.84
C6 CNQ L . -12.39 4.08 -12.82
N7 CNQ L . -15.97 3.42 -10.70
C8 CNQ L . -16.89 4.38 -10.65
C9 CNQ L . -16.75 5.66 -11.37
N10 CNQ L . -15.63 5.92 -12.09
C11 CNQ L . -13.03 6.34 -13.66
N12 CNQ L . -13.91 7.39 -13.60
O13 CNQ L . -12.03 6.42 -14.33
C14 CNQ L . -17.78 6.74 -11.20
C15 CNQ L . -17.89 7.78 -12.14
C16 CNQ L . -18.81 8.83 -11.95
C17 CNQ L . -19.56 8.88 -10.78
C18 CNQ L . -19.45 7.89 -9.78
C19 CNQ L . -18.53 6.84 -9.99
CL24 CNQ L . -20.68 10.16 -10.56
#